data_4QH0
#
_entry.id   4QH0
#
_cell.length_a   123.721
_cell.length_b   123.721
_cell.length_c   157.403
_cell.angle_alpha   90.00
_cell.angle_beta   90.00
_cell.angle_gamma   120.00
#
_symmetry.space_group_name_H-M   'P 63'
#
loop_
_entity.id
_entity.type
_entity.pdbx_description
1 polymer 'DNA-entry nuclease (Competence-specific nuclease)'
2 non-polymer 'MAGNESIUM ION'
3 non-polymer 'SULFATE ION'
4 non-polymer 'CHLORIDE ION'
5 non-polymer 1,2-ETHANEDIOL
6 water water
#
_entity_poly.entity_id   1
_entity_poly.type   'polypeptide(L)'
_entity_poly.pdbx_seq_one_letter_code
;GSAAASSVDTSQEFQNNLKNAIGNLPFQYVNGIYELNNNQTNLNADVNVKAYVQNTIDNQQRPSTANAMLDRTIRQYQNR
RDTTLPDANWKPLGWHQVATNDHYGHAVDKGALIAYALAGNFKGWDASVSNPQNVVTQTAHSNQSNQKINRGQNYYESLV
RKAVDQNKRVRYRVTPLYRNDTDLVPFAMHLEAKSQDGTLEFNVAIPNTQASYTMDYATGEITLN
;
_entity_poly.pdbx_strand_id   A,B,C,D
#
loop_
_chem_comp.id
_chem_comp.type
_chem_comp.name
_chem_comp.formula
CL non-polymer 'CHLORIDE ION' 'Cl -1'
EDO non-polymer 1,2-ETHANEDIOL 'C2 H6 O2'
MG non-polymer 'MAGNESIUM ION' 'Mg 2'
SO4 non-polymer 'SULFATE ION' 'O4 S -2'
#
# COMPACT_ATOMS: atom_id res chain seq x y z
N SER A 7 -21.76 -11.46 33.55
CA SER A 7 -22.98 -10.69 33.67
C SER A 7 -23.45 -10.20 32.31
N VAL A 8 -22.90 -9.07 31.85
CA VAL A 8 -23.24 -8.50 30.56
C VAL A 8 -22.86 -9.48 29.44
N ASP A 9 -21.67 -10.06 29.57
CA ASP A 9 -21.16 -10.99 28.55
C ASP A 9 -22.12 -12.13 28.30
N THR A 10 -22.58 -12.76 29.38
CA THR A 10 -23.48 -13.90 29.28
C THR A 10 -24.94 -13.49 29.21
N SER A 11 -25.21 -12.18 29.28
CA SER A 11 -26.57 -11.68 29.24
C SER A 11 -27.27 -12.10 27.96
N GLN A 12 -28.58 -12.23 28.02
CA GLN A 12 -29.36 -12.66 26.87
C GLN A 12 -29.36 -11.59 25.79
N GLU A 13 -29.36 -10.33 26.19
CA GLU A 13 -29.35 -9.23 25.24
C GLU A 13 -28.07 -9.27 24.40
N PHE A 14 -26.97 -9.69 25.02
CA PHE A 14 -25.71 -9.80 24.32
C PHE A 14 -25.75 -10.91 23.27
N GLN A 15 -26.10 -12.12 23.71
CA GLN A 15 -26.13 -13.28 22.82
C GLN A 15 -27.05 -13.05 21.63
N ASN A 16 -28.10 -12.27 21.82
CA ASN A 16 -28.99 -11.90 20.73
C ASN A 16 -28.29 -11.03 19.69
N ASN A 17 -27.55 -10.04 20.18
CA ASN A 17 -26.79 -9.17 19.29
C ASN A 17 -25.73 -9.97 18.54
N LEU A 18 -25.07 -10.89 19.25
CA LEU A 18 -24.07 -11.74 18.63
C LEU A 18 -24.68 -12.52 17.47
N LYS A 19 -25.83 -13.13 17.73
CA LYS A 19 -26.55 -13.89 16.71
C LYS A 19 -26.92 -13.01 15.52
N ASN A 20 -27.41 -11.81 15.80
CA ASN A 20 -27.74 -10.84 14.75
C ASN A 20 -26.55 -10.57 13.84
N ALA A 21 -25.35 -10.72 14.40
CA ALA A 21 -24.13 -10.33 13.71
C ALA A 21 -23.46 -11.51 12.99
N ILE A 22 -23.61 -12.71 13.53
CA ILE A 22 -22.91 -13.88 12.99
C ILE A 22 -23.86 -14.90 12.38
N GLY A 23 -25.16 -14.76 12.65
CA GLY A 23 -26.16 -15.61 12.04
C GLY A 23 -26.32 -16.94 12.76
N ASN A 24 -26.32 -18.03 11.98
CA ASN A 24 -26.56 -19.36 12.53
C ASN A 24 -25.30 -20.03 13.04
N LEU A 25 -24.20 -19.27 13.06
CA LEU A 25 -22.91 -19.79 13.51
C LEU A 25 -22.98 -20.27 14.96
N PRO A 26 -22.45 -21.46 15.26
CA PRO A 26 -22.38 -21.87 16.67
C PRO A 26 -21.51 -20.93 17.48
N PHE A 27 -21.80 -20.79 18.77
CA PHE A 27 -20.92 -20.09 19.67
C PHE A 27 -20.97 -20.65 21.08
N GLN A 28 -19.94 -20.35 21.86
CA GLN A 28 -19.76 -20.93 23.17
C GLN A 28 -18.92 -19.99 24.03
N TYR A 29 -19.49 -19.57 25.15
CA TYR A 29 -18.80 -18.66 26.06
C TYR A 29 -17.81 -19.42 26.93
N VAL A 30 -16.52 -19.21 26.66
CA VAL A 30 -15.47 -19.86 27.43
C VAL A 30 -14.29 -18.93 27.62
N ASN A 31 -13.75 -18.93 28.83
CA ASN A 31 -12.59 -18.12 29.18
C ASN A 31 -12.81 -16.63 28.89
N GLY A 32 -14.02 -16.15 29.17
CA GLY A 32 -14.32 -14.73 29.08
C GLY A 32 -14.64 -14.23 27.69
N ILE A 33 -14.71 -15.14 26.72
CA ILE A 33 -14.99 -14.77 25.34
C ILE A 33 -15.87 -15.82 24.68
N TYR A 34 -16.31 -15.53 23.45
CA TYR A 34 -17.11 -16.47 22.68
C TYR A 34 -16.30 -17.10 21.56
N GLU A 35 -16.16 -18.42 21.62
CA GLU A 35 -15.56 -19.18 20.54
C GLU A 35 -16.65 -19.47 19.51
N LEU A 36 -16.41 -19.04 18.28
CA LEU A 36 -17.38 -19.18 17.19
C LEU A 36 -16.98 -20.35 16.29
N ASN A 37 -17.99 -21.05 15.79
CA ASN A 37 -17.77 -22.13 14.84
C ASN A 37 -16.82 -23.19 15.36
N ASN A 38 -16.90 -23.45 16.67
CA ASN A 38 -15.98 -24.37 17.33
C ASN A 38 -14.53 -23.95 17.09
N ASN A 39 -14.29 -22.64 17.15
CA ASN A 39 -12.96 -22.07 17.05
C ASN A 39 -12.30 -22.33 15.70
N GLN A 40 -13.12 -22.43 14.66
CA GLN A 40 -12.66 -22.66 13.29
C GLN A 40 -13.09 -21.51 12.39
N THR A 41 -12.18 -21.09 11.51
CA THR A 41 -12.46 -20.02 10.57
C THR A 41 -12.30 -20.52 9.12
N ASN A 42 -13.03 -19.90 8.21
CA ASN A 42 -12.96 -20.25 6.80
C ASN A 42 -11.78 -19.56 6.09
N LEU A 43 -11.05 -18.73 6.82
CA LEU A 43 -9.86 -18.09 6.27
C LEU A 43 -8.89 -19.13 5.76
N ASN A 44 -8.40 -18.93 4.54
CA ASN A 44 -7.41 -19.81 3.94
C ASN A 44 -6.09 -19.08 3.77
N ALA A 45 -5.02 -19.65 4.33
CA ALA A 45 -3.70 -19.04 4.27
C ALA A 45 -2.88 -19.58 3.09
N ASP A 46 -3.02 -18.94 1.94
CA ASP A 46 -2.39 -19.41 0.71
C ASP A 46 -0.98 -18.83 0.55
N VAL A 47 -0.03 -19.69 0.18
CA VAL A 47 1.36 -19.29 0.01
C VAL A 47 1.53 -18.08 -0.91
N ASN A 48 0.58 -17.86 -1.80
CA ASN A 48 0.76 -16.89 -2.87
C ASN A 48 0.23 -15.47 -2.61
N VAL A 49 -0.29 -15.23 -1.41
N VAL A 49 -0.27 -15.24 -1.40
CA VAL A 49 -0.71 -13.88 -1.07
CA VAL A 49 -0.70 -13.91 -0.99
C VAL A 49 0.40 -13.20 -0.26
C VAL A 49 0.44 -13.21 -0.26
N LYS A 50 0.78 -12.01 -0.73
CA LYS A 50 1.86 -11.24 -0.11
C LYS A 50 1.34 -10.64 1.18
N ALA A 51 2.23 -10.34 2.11
CA ALA A 51 1.84 -9.69 3.35
C ALA A 51 1.14 -8.37 3.03
N TYR A 52 0.09 -8.06 3.77
CA TYR A 52 -0.66 -6.83 3.52
C TYR A 52 -1.62 -6.52 4.66
N VAL A 53 -2.18 -5.31 4.63
CA VAL A 53 -3.23 -4.90 5.55
C VAL A 53 -4.23 -4.06 4.78
N GLN A 54 -5.51 -4.30 5.01
CA GLN A 54 -6.56 -3.51 4.38
C GLN A 54 -7.68 -3.24 5.38
N ASN A 55 -7.88 -1.95 5.66
CA ASN A 55 -8.99 -1.51 6.49
C ASN A 55 -10.17 -1.11 5.62
N THR A 56 -11.37 -1.22 6.16
CA THR A 56 -12.56 -0.71 5.51
C THR A 56 -13.44 0.02 6.52
N ILE A 57 -14.32 0.87 5.99
CA ILE A 57 -15.38 1.47 6.78
C ILE A 57 -16.70 1.07 6.14
N ASP A 58 -17.77 1.00 6.94
CA ASP A 58 -19.07 0.61 6.42
C ASP A 58 -19.82 1.81 5.87
N ASN A 59 -21.05 1.61 5.44
CA ASN A 59 -21.85 2.68 4.85
C ASN A 59 -22.34 3.68 5.91
N GLN A 60 -21.85 3.51 7.14
CA GLN A 60 -22.11 4.48 8.21
C GLN A 60 -20.81 5.10 8.72
N GLN A 61 -19.74 5.00 7.93
CA GLN A 61 -18.45 5.63 8.23
C GLN A 61 -17.77 5.08 9.47
N ARG A 62 -18.20 3.89 9.91
CA ARG A 62 -17.60 3.25 11.06
C ARG A 62 -16.55 2.25 10.58
N PRO A 63 -15.43 2.12 11.30
CA PRO A 63 -14.45 1.07 10.99
C PRO A 63 -15.13 -0.29 10.85
N SER A 64 -14.87 -0.97 9.74
CA SER A 64 -15.48 -2.26 9.47
C SER A 64 -14.40 -3.32 9.28
N THR A 65 -14.71 -4.37 8.54
CA THR A 65 -13.83 -5.53 8.40
C THR A 65 -12.41 -5.18 7.97
N ALA A 66 -11.45 -5.69 8.73
CA ALA A 66 -10.03 -5.55 8.40
C ALA A 66 -9.43 -6.91 8.07
N ASN A 67 -8.72 -6.97 6.95
CA ASN A 67 -8.03 -8.18 6.53
C ASN A 67 -6.52 -7.98 6.45
N ALA A 68 -5.78 -9.04 6.70
CA ALA A 68 -4.33 -8.97 6.62
C ALA A 68 -3.72 -10.35 6.39
N MET A 69 -2.55 -10.37 5.77
CA MET A 69 -1.67 -11.54 5.75
C MET A 69 -0.40 -11.13 6.47
N LEU A 70 -0.06 -11.86 7.51
CA LEU A 70 0.99 -11.44 8.44
C LEU A 70 2.24 -12.31 8.31
N ASP A 71 3.38 -11.65 8.17
CA ASP A 71 4.67 -12.34 8.26
C ASP A 71 5.76 -11.36 8.71
N ARG A 72 7.02 -11.78 8.62
CA ARG A 72 8.12 -11.00 9.16
C ARG A 72 8.45 -9.75 8.34
N THR A 73 7.88 -9.65 7.13
CA THR A 73 8.16 -8.50 6.26
C THR A 73 7.38 -7.25 6.65
N ILE A 74 6.32 -7.40 7.43
CA ILE A 74 5.54 -6.26 7.91
C ILE A 74 5.46 -6.22 9.44
N ARG A 75 6.06 -7.21 10.08
CA ARG A 75 6.19 -7.22 11.53
C ARG A 75 6.92 -5.97 12.00
N GLN A 76 6.39 -5.34 13.05
CA GLN A 76 6.95 -4.09 13.59
C GLN A 76 7.54 -4.32 14.98
N TYR A 77 8.87 -4.29 15.06
CA TYR A 77 9.57 -4.59 16.31
C TYR A 77 9.91 -3.33 17.11
N GLN A 78 9.63 -2.16 16.55
CA GLN A 78 10.02 -0.90 17.19
C GLN A 78 8.89 -0.31 18.03
N ASN A 79 9.26 0.54 18.98
CA ASN A 79 8.28 1.22 19.82
C ASN A 79 7.48 2.25 19.04
N ARG A 80 6.21 2.41 19.43
CA ARG A 80 5.27 3.32 18.78
C ARG A 80 5.82 4.74 18.60
N ARG A 81 6.43 5.27 19.65
CA ARG A 81 6.88 6.65 19.65
C ARG A 81 8.01 6.88 18.65
N ASP A 82 8.65 5.79 18.22
CA ASP A 82 9.77 5.88 17.28
C ASP A 82 9.30 5.89 15.83
N THR A 83 8.09 5.41 15.59
CA THR A 83 7.65 5.11 14.23
C THR A 83 6.30 5.73 13.85
N THR A 84 5.59 6.31 14.81
CA THR A 84 4.29 6.90 14.54
C THR A 84 4.16 8.31 15.10
N LEU A 85 3.36 9.14 14.42
CA LEU A 85 3.03 10.48 14.89
C LEU A 85 1.51 10.66 14.89
N PRO A 86 0.83 10.07 15.87
CA PRO A 86 -0.64 10.16 15.94
C PRO A 86 -1.13 11.55 16.30
N ASP A 87 -2.32 11.89 15.82
CA ASP A 87 -3.01 13.09 16.28
C ASP A 87 -3.41 12.86 17.74
N ALA A 88 -2.79 13.62 18.64
CA ALA A 88 -3.05 13.47 20.06
C ALA A 88 -4.48 13.85 20.41
N ASN A 89 -5.08 14.70 19.59
CA ASN A 89 -6.42 15.20 19.84
C ASN A 89 -7.51 14.25 19.32
N TRP A 90 -7.18 13.45 18.31
CA TRP A 90 -8.17 12.60 17.66
C TRP A 90 -8.73 11.55 18.59
N LYS A 91 -10.03 11.30 18.45
CA LYS A 91 -10.72 10.32 19.28
C LYS A 91 -11.67 9.49 18.42
N PRO A 92 -11.65 8.15 18.60
CA PRO A 92 -12.53 7.32 17.77
C PRO A 92 -14.00 7.54 18.09
N LEU A 93 -14.88 6.88 17.34
CA LEU A 93 -16.31 7.11 17.47
C LEU A 93 -16.83 6.69 18.84
N GLY A 94 -17.65 7.55 19.42
CA GLY A 94 -18.31 7.25 20.69
C GLY A 94 -17.38 7.32 21.88
N TRP A 95 -16.25 8.01 21.72
CA TRP A 95 -15.25 8.06 22.76
C TRP A 95 -15.69 8.91 23.93
N HIS A 96 -15.85 8.28 25.09
CA HIS A 96 -16.12 8.96 26.33
C HIS A 96 -15.32 8.33 27.46
N GLN A 97 -14.19 8.94 27.78
CA GLN A 97 -13.27 8.39 28.77
C GLN A 97 -13.71 8.71 30.19
N VAL A 98 -13.52 7.76 31.09
CA VAL A 98 -13.81 7.95 32.50
C VAL A 98 -12.86 7.11 33.36
N ALA A 99 -12.50 7.63 34.53
CA ALA A 99 -11.72 6.86 35.48
C ALA A 99 -12.57 5.73 36.04
N THR A 100 -11.94 4.61 36.35
CA THR A 100 -12.64 3.41 36.80
C THR A 100 -12.07 2.85 38.10
N ASN A 101 -12.92 2.15 38.85
CA ASN A 101 -12.51 1.47 40.07
C ASN A 101 -12.02 0.05 39.79
N ASP A 102 -11.01 -0.06 38.93
CA ASP A 102 -10.38 -1.33 38.62
C ASP A 102 -8.90 -1.13 38.30
N HIS A 103 -8.20 -2.20 37.99
CA HIS A 103 -6.74 -2.13 37.85
C HIS A 103 -6.29 -1.46 36.55
N TYR A 104 -7.24 -1.24 35.63
CA TYR A 104 -6.93 -0.49 34.42
C TYR A 104 -6.86 1.01 34.71
N GLY A 105 -7.67 1.46 35.66
CA GLY A 105 -7.66 2.84 36.08
C GLY A 105 -8.44 3.77 35.16
N HIS A 106 -8.80 3.27 33.98
CA HIS A 106 -9.60 4.03 33.05
C HIS A 106 -10.46 3.06 32.24
N ALA A 107 -11.46 3.61 31.55
CA ALA A 107 -12.50 2.78 30.96
C ALA A 107 -12.15 2.24 29.57
N VAL A 108 -11.75 3.13 28.67
CA VAL A 108 -11.59 2.78 27.26
C VAL A 108 -10.19 3.04 26.73
N ASP A 109 -9.78 2.21 25.78
CA ASP A 109 -8.52 2.37 25.06
C ASP A 109 -8.82 2.65 23.60
N LYS A 110 -7.83 3.16 22.89
CA LYS A 110 -7.93 3.24 21.44
C LYS A 110 -7.67 1.84 20.90
N GLY A 111 -8.74 1.19 20.47
CA GLY A 111 -8.69 -0.20 20.07
C GLY A 111 -8.38 -0.39 18.60
N ALA A 112 -7.14 -0.76 18.30
CA ALA A 112 -6.74 -1.09 16.94
C ALA A 112 -7.41 -2.38 16.50
N LEU A 113 -7.93 -2.39 15.27
CA LEU A 113 -8.41 -3.62 14.67
C LEU A 113 -7.23 -4.53 14.41
N ILE A 114 -6.31 -4.07 13.56
CA ILE A 114 -5.07 -4.78 13.29
C ILE A 114 -3.96 -4.16 14.13
N ALA A 115 -3.32 -4.98 14.97
CA ALA A 115 -2.32 -4.50 15.92
C ALA A 115 -1.12 -3.83 15.25
N TYR A 116 -0.62 -2.79 15.91
CA TYR A 116 0.57 -2.07 15.47
C TYR A 116 1.77 -2.98 15.30
N ALA A 117 2.00 -3.87 16.26
CA ALA A 117 3.19 -4.71 16.24
C ALA A 117 3.13 -5.79 15.15
N LEU A 118 1.93 -6.12 14.70
CA LEU A 118 1.75 -7.19 13.72
C LEU A 118 1.94 -6.72 12.29
N ALA A 119 1.52 -5.50 12.00
CA ALA A 119 1.53 -5.00 10.63
C ALA A 119 2.07 -3.58 10.50
N GLY A 120 2.67 -3.07 11.57
CA GLY A 120 3.10 -1.68 11.61
C GLY A 120 4.25 -1.34 10.69
N ASN A 121 4.83 -2.34 10.02
CA ASN A 121 5.94 -2.13 9.09
C ASN A 121 5.49 -2.36 7.64
N PHE A 122 4.19 -2.28 7.41
CA PHE A 122 3.64 -2.30 6.06
C PHE A 122 3.58 -0.87 5.55
N LYS A 123 4.39 -0.58 4.53
CA LYS A 123 4.54 0.79 4.06
C LYS A 123 3.24 1.36 3.52
N GLY A 124 2.92 2.58 3.91
CA GLY A 124 1.76 3.28 3.42
C GLY A 124 0.54 3.14 4.31
N TRP A 125 0.61 2.22 5.27
CA TRP A 125 -0.49 1.98 6.19
C TRP A 125 -0.27 2.75 7.48
N ASP A 126 -1.26 3.56 7.86
CA ASP A 126 -1.18 4.32 9.11
C ASP A 126 -1.34 3.37 10.30
N ALA A 127 -0.23 3.16 11.00
CA ALA A 127 -0.19 2.21 12.12
C ALA A 127 -0.34 2.91 13.46
N SER A 128 -0.79 4.16 13.44
CA SER A 128 -0.94 4.95 14.65
C SER A 128 -2.33 4.78 15.25
N VAL A 129 -2.50 5.26 16.48
CA VAL A 129 -3.78 5.16 17.18
C VAL A 129 -4.83 6.11 16.66
N SER A 130 -4.48 6.89 15.63
CA SER A 130 -5.41 7.87 15.06
C SER A 130 -5.82 7.53 13.64
N ASN A 131 -5.50 6.32 13.18
CA ASN A 131 -6.03 5.83 11.91
C ASN A 131 -7.53 5.62 12.07
N PRO A 132 -8.35 6.46 11.42
CA PRO A 132 -9.78 6.40 11.72
C PRO A 132 -10.51 5.18 11.13
N GLN A 133 -9.81 4.38 10.33
CA GLN A 133 -10.39 3.18 9.75
C GLN A 133 -10.00 1.93 10.53
N ASN A 134 -9.03 2.08 11.42
CA ASN A 134 -8.44 0.94 12.12
C ASN A 134 -8.57 1.03 13.63
N VAL A 135 -9.20 2.09 14.11
CA VAL A 135 -9.32 2.32 15.55
C VAL A 135 -10.76 2.59 15.96
N VAL A 136 -11.20 1.86 16.98
CA VAL A 136 -12.53 2.04 17.56
C VAL A 136 -12.39 2.32 19.05
N THR A 137 -13.48 2.74 19.67
CA THR A 137 -13.53 2.85 21.13
C THR A 137 -13.67 1.46 21.71
N GLN A 138 -12.67 1.03 22.48
CA GLN A 138 -12.64 -0.31 23.04
C GLN A 138 -12.34 -0.27 24.53
N THR A 139 -13.02 -1.14 25.29
CA THR A 139 -12.81 -1.20 26.73
C THR A 139 -11.36 -1.57 26.98
N ALA A 140 -10.82 -1.10 28.09
CA ALA A 140 -9.44 -1.39 28.44
C ALA A 140 -9.29 -2.89 28.67
N HIS A 141 -10.32 -3.51 29.24
CA HIS A 141 -10.26 -4.94 29.50
C HIS A 141 -10.19 -5.76 28.22
N SER A 142 -11.13 -5.53 27.30
CA SER A 142 -11.20 -6.33 26.07
C SER A 142 -10.04 -6.00 25.13
N ASN A 143 -9.42 -4.84 25.32
CA ASN A 143 -8.25 -4.47 24.55
C ASN A 143 -6.98 -5.11 25.09
N GLN A 144 -6.81 -5.04 26.41
CA GLN A 144 -5.54 -5.36 27.05
C GLN A 144 -5.41 -6.78 27.58
N SER A 145 -6.53 -7.40 27.93
CA SER A 145 -6.50 -8.61 28.75
C SER A 145 -5.74 -9.78 28.13
N ASN A 146 -4.70 -10.20 28.83
CA ASN A 146 -3.94 -11.40 28.49
C ASN A 146 -4.27 -12.55 29.44
N GLN A 147 -5.27 -12.36 30.29
CA GLN A 147 -5.67 -13.38 31.23
C GLN A 147 -6.23 -14.56 30.47
N LYS A 148 -5.53 -15.69 30.51
CA LYS A 148 -5.93 -16.87 29.74
C LYS A 148 -7.35 -17.32 30.11
N ILE A 149 -7.78 -16.98 31.33
CA ILE A 149 -9.10 -17.39 31.81
C ILE A 149 -10.13 -16.29 31.62
N ASN A 150 -9.67 -15.07 31.35
CA ASN A 150 -10.54 -13.95 31.06
C ASN A 150 -9.91 -13.11 29.95
N ARG A 151 -10.03 -13.61 28.72
CA ARG A 151 -9.21 -13.14 27.62
C ARG A 151 -9.71 -11.84 27.00
N GLY A 152 -8.76 -11.03 26.57
CA GLY A 152 -9.04 -9.85 25.77
C GLY A 152 -8.43 -10.05 24.40
N GLN A 153 -8.50 -9.01 23.57
CA GLN A 153 -7.97 -9.09 22.22
C GLN A 153 -6.46 -9.31 22.23
N ASN A 154 -5.78 -8.77 23.24
CA ASN A 154 -4.34 -8.90 23.37
C ASN A 154 -3.87 -10.35 23.46
N TYR A 155 -4.66 -11.17 24.14
CA TYR A 155 -4.33 -12.59 24.29
C TYR A 155 -4.21 -13.23 22.91
N TYR A 156 -5.14 -12.88 22.03
CA TYR A 156 -5.18 -13.49 20.70
C TYR A 156 -4.16 -12.86 19.75
N GLU A 157 -3.92 -11.57 19.91
CA GLU A 157 -2.86 -10.91 19.15
C GLU A 157 -1.49 -11.50 19.51
N SER A 158 -1.32 -11.86 20.78
CA SER A 158 -0.07 -12.45 21.25
C SER A 158 0.17 -13.83 20.64
N LEU A 159 -0.89 -14.62 20.48
CA LEU A 159 -0.79 -15.91 19.79
C LEU A 159 -0.34 -15.69 18.36
N VAL A 160 -0.91 -14.70 17.69
CA VAL A 160 -0.55 -14.38 16.33
C VAL A 160 0.91 -13.91 16.25
N ARG A 161 1.29 -13.02 17.17
CA ARG A 161 2.64 -12.48 17.18
C ARG A 161 3.66 -13.59 17.38
N LYS A 162 3.35 -14.51 18.28
CA LYS A 162 4.24 -15.63 18.58
C LYS A 162 4.40 -16.56 17.38
N ALA A 163 3.33 -16.72 16.60
CA ALA A 163 3.39 -17.54 15.40
C ALA A 163 4.26 -16.86 14.36
N VAL A 164 4.06 -15.57 14.15
CA VAL A 164 4.88 -14.80 13.23
C VAL A 164 6.35 -14.86 13.63
N ASP A 165 6.63 -14.77 14.92
CA ASP A 165 8.01 -14.78 15.40
C ASP A 165 8.62 -16.18 15.36
N GLN A 166 7.82 -17.16 14.98
CA GLN A 166 8.30 -18.49 14.67
C GLN A 166 8.30 -18.72 13.16
N ASN A 167 8.28 -17.61 12.42
CA ASN A 167 8.32 -17.63 10.97
C ASN A 167 7.12 -18.34 10.33
N LYS A 168 5.97 -18.22 10.96
CA LYS A 168 4.72 -18.70 10.37
C LYS A 168 4.02 -17.52 9.72
N ARG A 169 3.37 -17.79 8.58
CA ARG A 169 2.56 -16.79 7.89
C ARG A 169 1.10 -16.99 8.31
N VAL A 170 0.46 -15.91 8.75
CA VAL A 170 -0.85 -15.98 9.35
C VAL A 170 -1.87 -15.09 8.63
N ARG A 171 -2.89 -15.71 8.07
CA ARG A 171 -4.02 -14.97 7.53
C ARG A 171 -4.89 -14.53 8.70
N TYR A 172 -5.32 -13.28 8.65
CA TYR A 172 -5.89 -12.62 9.82
C TYR A 172 -7.06 -11.74 9.41
N ARG A 173 -8.12 -11.76 10.21
CA ARG A 173 -9.28 -10.90 9.96
C ARG A 173 -9.89 -10.42 11.26
N VAL A 174 -10.12 -9.12 11.33
CA VAL A 174 -10.70 -8.48 12.51
C VAL A 174 -11.90 -7.64 12.10
N THR A 175 -13.06 -7.98 12.64
CA THR A 175 -14.31 -7.31 12.28
C THR A 175 -15.02 -6.74 13.52
N PRO A 176 -15.19 -5.42 13.56
CA PRO A 176 -16.01 -4.85 14.64
C PRO A 176 -17.47 -5.20 14.42
N LEU A 177 -18.14 -5.69 15.45
CA LEU A 177 -19.54 -6.06 15.36
C LEU A 177 -20.42 -4.98 15.98
N TYR A 178 -21.43 -4.56 15.21
CA TYR A 178 -22.38 -3.54 15.64
C TYR A 178 -23.78 -4.12 15.76
N ARG A 179 -24.53 -3.66 16.77
CA ARG A 179 -25.90 -4.12 16.99
C ARG A 179 -26.80 -3.70 15.83
N ASN A 180 -26.47 -2.57 15.21
CA ASN A 180 -27.32 -1.97 14.20
C ASN A 180 -26.56 -0.90 13.39
N ASP A 181 -27.31 -0.16 12.57
CA ASP A 181 -26.72 0.89 11.74
C ASP A 181 -26.38 2.17 12.50
N THR A 182 -27.03 2.37 13.64
CA THR A 182 -26.92 3.65 14.36
C THR A 182 -25.72 3.74 15.29
N ASP A 183 -25.38 2.62 15.93
CA ASP A 183 -24.38 2.61 16.99
C ASP A 183 -23.01 3.13 16.58
N LEU A 184 -22.40 3.94 17.46
CA LEU A 184 -21.07 4.47 17.22
C LEU A 184 -19.98 3.46 17.60
N VAL A 185 -20.28 2.63 18.58
CA VAL A 185 -19.29 1.74 19.18
C VAL A 185 -19.67 0.27 18.94
N PRO A 186 -18.68 -0.58 18.62
CA PRO A 186 -18.95 -2.02 18.48
C PRO A 186 -19.18 -2.68 19.84
N PHE A 187 -20.09 -3.66 19.89
CA PHE A 187 -20.35 -4.37 21.13
C PHE A 187 -19.40 -5.56 21.30
N ALA A 188 -18.63 -5.85 20.26
CA ALA A 188 -17.69 -6.97 20.29
C ALA A 188 -16.71 -6.89 19.12
N MET A 189 -15.58 -7.57 19.27
CA MET A 189 -14.57 -7.65 18.21
C MET A 189 -14.39 -9.09 17.76
N HIS A 190 -14.66 -9.33 16.48
CA HIS A 190 -14.56 -10.65 15.88
C HIS A 190 -13.15 -10.87 15.36
N LEU A 191 -12.44 -11.85 15.92
CA LEU A 191 -11.07 -12.16 15.52
C LEU A 191 -10.99 -13.55 14.92
N GLU A 192 -10.39 -13.65 13.74
CA GLU A 192 -10.16 -14.92 13.08
C GLU A 192 -8.71 -14.99 12.61
N ALA A 193 -8.09 -16.15 12.76
CA ALA A 193 -6.71 -16.34 12.32
C ALA A 193 -6.47 -17.77 11.89
N LYS A 194 -5.60 -17.94 10.90
CA LYS A 194 -5.16 -19.27 10.49
C LYS A 194 -3.75 -19.20 9.90
N SER A 195 -2.82 -19.96 10.49
CA SER A 195 -1.47 -20.02 9.98
C SER A 195 -1.42 -20.94 8.76
N GLN A 196 -0.32 -20.86 8.00
CA GLN A 196 -0.17 -21.64 6.79
C GLN A 196 -0.10 -23.12 7.11
N ASP A 197 0.59 -23.47 8.19
CA ASP A 197 0.74 -24.86 8.60
C ASP A 197 -0.43 -25.33 9.46
N GLY A 198 -1.40 -24.45 9.69
CA GLY A 198 -2.64 -24.82 10.36
C GLY A 198 -2.54 -24.98 11.86
N THR A 199 -1.34 -24.83 12.42
CA THR A 199 -1.14 -25.03 13.85
C THR A 199 -1.85 -23.97 14.68
N LEU A 200 -1.93 -22.76 14.13
CA LEU A 200 -2.68 -21.68 14.76
C LEU A 200 -3.99 -21.48 14.03
N GLU A 201 -5.09 -21.58 14.76
CA GLU A 201 -6.39 -21.28 14.20
C GLU A 201 -7.34 -20.89 15.31
N PHE A 202 -8.06 -19.78 15.11
CA PHE A 202 -9.12 -19.42 16.03
C PHE A 202 -10.16 -18.54 15.35
N ASN A 203 -11.32 -18.48 15.99
CA ASN A 203 -12.45 -17.69 15.51
C ASN A 203 -13.24 -17.33 16.74
N VAL A 204 -13.10 -16.08 17.19
CA VAL A 204 -13.69 -15.67 18.46
C VAL A 204 -14.32 -14.29 18.38
N ALA A 205 -15.21 -14.01 19.31
CA ALA A 205 -15.74 -12.67 19.50
C ALA A 205 -15.39 -12.22 20.92
N ILE A 206 -14.66 -11.12 21.01
CA ILE A 206 -14.30 -10.54 22.30
C ILE A 206 -15.36 -9.52 22.70
N PRO A 207 -16.10 -9.78 23.79
CA PRO A 207 -17.09 -8.78 24.19
C PRO A 207 -16.43 -7.45 24.52
N ASN A 208 -17.00 -6.36 24.01
CA ASN A 208 -16.47 -5.03 24.30
C ASN A 208 -17.05 -4.57 25.64
N THR A 209 -16.56 -5.18 26.71
CA THR A 209 -17.09 -4.97 28.05
C THR A 209 -15.98 -4.77 29.07
N GLN A 210 -16.38 -4.36 30.27
CA GLN A 210 -15.49 -4.24 31.40
C GLN A 210 -16.33 -4.35 32.67
N ALA A 211 -15.88 -5.17 33.61
CA ALA A 211 -16.71 -5.54 34.77
C ALA A 211 -17.21 -4.33 35.56
N SER A 212 -16.39 -3.30 35.65
CA SER A 212 -16.69 -2.18 36.53
C SER A 212 -17.80 -1.26 36.00
N TYR A 213 -18.24 -1.48 34.77
CA TYR A 213 -19.26 -0.60 34.19
C TYR A 213 -20.04 -1.20 33.04
N THR A 214 -21.00 -0.42 32.55
CA THR A 214 -21.77 -0.74 31.36
C THR A 214 -21.69 0.45 30.40
N MET A 215 -21.75 0.16 29.11
CA MET A 215 -21.65 1.19 28.08
C MET A 215 -22.86 1.17 27.17
N ASP A 216 -23.30 2.34 26.77
CA ASP A 216 -24.30 2.48 25.72
C ASP A 216 -23.55 2.46 24.40
N TYR A 217 -23.76 1.42 23.60
CA TYR A 217 -23.02 1.27 22.36
C TYR A 217 -23.54 2.22 21.30
N ALA A 218 -24.70 2.81 21.55
CA ALA A 218 -25.25 3.81 20.64
C ALA A 218 -24.40 5.07 20.69
N THR A 219 -24.01 5.47 21.89
CA THR A 219 -23.33 6.74 22.12
C THR A 219 -21.89 6.53 22.60
N GLY A 220 -21.65 5.38 23.21
CA GLY A 220 -20.37 5.11 23.83
C GLY A 220 -20.26 5.74 25.22
N GLU A 221 -21.38 6.28 25.70
CA GLU A 221 -21.43 6.85 27.04
C GLU A 221 -21.38 5.74 28.08
N ILE A 222 -20.57 5.97 29.12
CA ILE A 222 -20.32 4.96 30.12
C ILE A 222 -21.06 5.24 31.43
N THR A 223 -21.75 4.21 31.92
CA THR A 223 -22.41 4.26 33.22
C THR A 223 -21.72 3.29 34.16
N LEU A 224 -20.97 3.83 35.11
CA LEU A 224 -20.20 3.02 36.05
C LEU A 224 -21.11 2.27 37.02
N ASN A 225 -20.60 1.18 37.59
CA ASN A 225 -21.35 0.39 38.56
C ASN A 225 -21.16 0.91 39.98
N SER B 7 -4.87 37.62 -1.64
CA SER B 7 -5.87 36.79 -2.31
C SER B 7 -5.89 37.07 -3.81
N VAL B 8 -4.78 37.58 -4.33
CA VAL B 8 -4.60 37.82 -5.76
C VAL B 8 -3.27 37.23 -6.20
N ASP B 9 -3.22 36.76 -7.44
CA ASP B 9 -2.03 36.11 -7.99
C ASP B 9 -0.80 37.00 -7.97
N THR B 10 -0.93 38.21 -8.50
CA THR B 10 0.21 39.09 -8.73
C THR B 10 0.67 39.87 -7.51
N SER B 11 -0.21 39.98 -6.51
CA SER B 11 0.04 40.85 -5.36
C SER B 11 1.39 40.58 -4.68
N GLN B 12 1.97 41.63 -4.12
CA GLN B 12 3.22 41.52 -3.39
C GLN B 12 3.02 40.67 -2.14
N GLU B 13 1.79 40.67 -1.62
CA GLU B 13 1.46 39.89 -0.44
C GLU B 13 1.57 38.40 -0.74
N PHE B 14 1.16 38.03 -1.95
CA PHE B 14 1.20 36.64 -2.38
C PHE B 14 2.63 36.23 -2.68
N GLN B 15 3.35 37.06 -3.43
CA GLN B 15 4.73 36.79 -3.81
C GLN B 15 5.60 36.65 -2.56
N ASN B 16 5.22 37.34 -1.49
CA ASN B 16 5.93 37.21 -0.22
C ASN B 16 5.67 35.87 0.44
N ASN B 17 4.40 35.49 0.50
CA ASN B 17 4.01 34.19 1.04
C ASN B 17 4.64 33.07 0.23
N LEU B 18 4.76 33.27 -1.08
CA LEU B 18 5.41 32.30 -1.94
C LEU B 18 6.88 32.17 -1.54
N LYS B 19 7.57 33.31 -1.46
CA LYS B 19 8.98 33.35 -1.10
C LYS B 19 9.23 32.69 0.26
N ASN B 20 8.35 32.97 1.22
CA ASN B 20 8.41 32.33 2.53
C ASN B 20 8.42 30.81 2.40
N ALA B 21 7.68 30.31 1.40
CA ALA B 21 7.49 28.89 1.22
C ALA B 21 8.62 28.26 0.40
N ILE B 22 8.86 28.78 -0.80
CA ILE B 22 9.82 28.17 -1.72
C ILE B 22 11.26 28.56 -1.38
N GLY B 23 11.42 29.55 -0.51
CA GLY B 23 12.74 29.99 -0.10
C GLY B 23 13.36 30.92 -1.13
N ASN B 24 14.58 30.57 -1.56
CA ASN B 24 15.35 31.42 -2.45
C ASN B 24 15.16 31.10 -3.93
N LEU B 25 14.32 30.11 -4.22
CA LEU B 25 14.09 29.68 -5.60
C LEU B 25 13.59 30.80 -6.50
N PRO B 26 14.12 30.88 -7.74
CA PRO B 26 13.52 31.83 -8.68
C PRO B 26 12.11 31.45 -9.08
N PHE B 27 11.30 32.46 -9.39
CA PHE B 27 9.94 32.23 -9.85
C PHE B 27 9.57 33.31 -10.86
N GLN B 28 8.64 33.00 -11.74
CA GLN B 28 8.09 33.99 -12.64
C GLN B 28 6.65 33.67 -12.98
N TYR B 29 5.80 34.70 -12.93
CA TYR B 29 4.39 34.54 -13.21
C TYR B 29 4.17 34.40 -14.71
N VAL B 30 3.56 33.29 -15.11
CA VAL B 30 3.31 33.04 -16.52
C VAL B 30 2.14 32.08 -16.68
N ASN B 31 1.24 32.41 -17.59
CA ASN B 31 0.06 31.61 -17.87
C ASN B 31 -0.80 31.37 -16.62
N GLY B 32 -0.83 32.37 -15.75
CA GLY B 32 -1.70 32.33 -14.58
C GLY B 32 -1.10 31.66 -13.37
N ILE B 33 0.11 31.13 -13.53
CA ILE B 33 0.78 30.40 -12.45
C ILE B 33 2.22 30.85 -12.32
N TYR B 34 2.92 30.33 -11.32
CA TYR B 34 4.33 30.63 -11.12
C TYR B 34 5.18 29.43 -11.46
N GLU B 35 6.06 29.59 -12.44
CA GLU B 35 7.06 28.58 -12.76
C GLU B 35 8.25 28.77 -11.84
N LEU B 36 8.57 27.74 -11.07
CA LEU B 36 9.63 27.81 -10.07
C LEU B 36 10.91 27.15 -10.59
N ASN B 37 12.04 27.73 -10.21
CA ASN B 37 13.35 27.21 -10.59
C ASN B 37 13.47 27.05 -12.10
N ASN B 38 12.94 28.00 -12.84
N ASN B 38 12.94 28.01 -12.83
CA ASN B 38 12.91 27.91 -14.29
CA ASN B 38 12.86 27.95 -14.28
C ASN B 38 12.20 26.64 -14.73
C ASN B 38 12.19 26.66 -14.74
N ASN B 39 11.18 26.25 -13.97
CA ASN B 39 10.36 25.08 -14.29
C ASN B 39 11.11 23.75 -14.17
N GLN B 40 12.10 23.71 -13.30
CA GLN B 40 12.87 22.49 -13.06
C GLN B 40 12.75 22.02 -11.62
N THR B 41 12.54 20.72 -11.46
CA THR B 41 12.44 20.11 -10.14
C THR B 41 13.62 19.20 -9.88
N ASN B 42 14.01 19.08 -8.62
CA ASN B 42 15.13 18.21 -8.24
C ASN B 42 14.72 16.75 -8.11
N LEU B 43 13.44 16.46 -8.38
CA LEU B 43 12.95 15.08 -8.35
C LEU B 43 13.77 14.22 -9.30
N ASN B 44 14.13 13.04 -8.83
CA ASN B 44 14.83 12.05 -9.66
C ASN B 44 13.99 10.79 -9.81
N ALA B 45 13.72 10.42 -11.05
CA ALA B 45 12.94 9.21 -11.35
C ALA B 45 13.87 8.05 -11.66
N ASP B 46 13.70 6.95 -10.93
CA ASP B 46 14.54 5.77 -11.09
C ASP B 46 13.68 4.60 -11.54
N VAL B 47 14.24 3.76 -12.42
CA VAL B 47 13.53 2.58 -12.92
C VAL B 47 13.12 1.65 -11.79
N ASN B 48 13.89 1.67 -10.71
CA ASN B 48 13.69 0.74 -9.61
C ASN B 48 12.90 1.33 -8.44
N VAL B 49 12.21 2.44 -8.69
CA VAL B 49 11.21 2.95 -7.78
C VAL B 49 9.84 2.49 -8.28
N LYS B 50 9.23 1.57 -7.55
CA LYS B 50 7.94 1.01 -7.93
C LYS B 50 6.84 2.04 -7.80
N ALA B 51 5.80 1.91 -8.61
CA ALA B 51 4.66 2.82 -8.56
C ALA B 51 4.07 2.83 -7.16
N TYR B 52 3.73 4.02 -6.68
CA TYR B 52 3.20 4.16 -5.33
C TYR B 52 2.63 5.55 -5.11
N VAL B 53 2.00 5.74 -3.95
CA VAL B 53 1.54 7.06 -3.56
C VAL B 53 1.52 7.15 -2.03
N GLN B 54 2.12 8.23 -1.52
CA GLN B 54 2.25 8.44 -0.08
C GLN B 54 1.80 9.84 0.29
N ASN B 55 0.76 9.92 1.12
CA ASN B 55 0.32 11.20 1.67
C ASN B 55 0.94 11.41 3.05
N THR B 56 1.01 12.67 3.47
CA THR B 56 1.43 13.00 4.82
C THR B 56 0.58 14.15 5.32
N ILE B 57 0.59 14.34 6.65
CA ILE B 57 0.03 15.54 7.25
C ILE B 57 1.09 16.17 8.13
N ASP B 58 1.06 17.51 8.24
CA ASP B 58 2.08 18.22 9.00
C ASP B 58 1.79 18.17 10.50
N ASN B 59 2.57 18.91 11.27
CA ASN B 59 2.40 18.95 12.72
C ASN B 59 1.09 19.61 13.13
N GLN B 60 0.42 20.22 12.15
CA GLN B 60 -0.85 20.90 12.39
C GLN B 60 -2.03 20.06 11.88
N GLN B 61 -1.77 18.79 11.56
CA GLN B 61 -2.79 17.86 11.07
C GLN B 61 -3.40 18.26 9.72
N ARG B 62 -2.70 19.11 8.98
CA ARG B 62 -3.17 19.51 7.65
C ARG B 62 -2.48 18.65 6.60
N PRO B 63 -3.19 18.34 5.49
CA PRO B 63 -2.55 17.67 4.36
C PRO B 63 -1.24 18.35 3.97
N SER B 64 -0.18 17.56 3.84
CA SER B 64 1.14 18.09 3.52
C SER B 64 1.71 17.37 2.32
N THR B 65 3.03 17.39 2.19
CA THR B 65 3.72 16.84 1.03
C THR B 65 3.28 15.42 0.68
N ALA B 66 2.85 15.24 -0.56
CA ALA B 66 2.46 13.94 -1.08
C ALA B 66 3.38 13.53 -2.22
N ASN B 67 3.85 12.29 -2.17
CA ASN B 67 4.78 11.77 -3.16
C ASN B 67 4.20 10.57 -3.90
N ALA B 68 4.62 10.39 -5.14
CA ALA B 68 4.15 9.27 -5.95
C ALA B 68 5.11 8.96 -7.10
N MET B 69 5.08 7.72 -7.54
CA MET B 69 5.68 7.33 -8.82
C MET B 69 4.54 6.76 -9.65
N LEU B 70 4.33 7.34 -10.82
CA LEU B 70 3.16 7.06 -11.62
C LEU B 70 3.47 6.24 -12.86
N ASP B 71 2.77 5.14 -13.04
CA ASP B 71 2.80 4.40 -14.29
C ASP B 71 1.45 3.70 -14.51
N ARG B 72 1.40 2.83 -15.50
CA ARG B 72 0.14 2.21 -15.89
C ARG B 72 -0.36 1.17 -14.88
N THR B 73 0.50 0.81 -13.92
CA THR B 73 0.12 -0.19 -12.92
C THR B 73 -0.82 0.37 -11.87
N ILE B 74 -0.86 1.70 -11.74
CA ILE B 74 -1.75 2.34 -10.76
C ILE B 74 -2.65 3.38 -11.41
N ARG B 75 -2.49 3.58 -12.72
CA ARG B 75 -3.39 4.42 -13.49
C ARG B 75 -4.83 3.93 -13.35
N GLN B 76 -5.76 4.86 -13.13
CA GLN B 76 -7.17 4.53 -12.90
C GLN B 76 -8.03 5.02 -14.06
N TYR B 77 -8.48 4.09 -14.90
CA TYR B 77 -9.23 4.43 -16.10
C TYR B 77 -10.74 4.46 -15.90
N GLN B 78 -11.21 4.02 -14.73
CA GLN B 78 -12.65 3.94 -14.47
C GLN B 78 -13.18 5.21 -13.81
N ASN B 79 -14.49 5.40 -13.86
CA ASN B 79 -15.11 6.56 -13.25
C ASN B 79 -15.18 6.43 -11.73
N ARG B 80 -14.98 7.56 -11.06
CA ARG B 80 -15.05 7.66 -9.61
C ARG B 80 -16.27 6.95 -9.04
N ARG B 81 -17.40 7.07 -9.72
CA ARG B 81 -18.66 6.50 -9.26
C ARG B 81 -18.56 4.99 -9.06
N ASP B 82 -17.72 4.34 -9.87
CA ASP B 82 -17.63 2.88 -9.87
C ASP B 82 -16.59 2.32 -8.90
N THR B 83 -15.72 3.18 -8.36
CA THR B 83 -14.54 2.72 -7.64
C THR B 83 -14.37 3.26 -6.22
N THR B 84 -14.96 4.42 -5.93
CA THR B 84 -14.82 5.02 -4.60
C THR B 84 -16.16 5.20 -3.89
N LEU B 85 -16.13 5.04 -2.57
CA LEU B 85 -17.29 5.29 -1.72
C LEU B 85 -16.93 6.29 -0.63
N PRO B 86 -16.86 7.58 -0.99
CA PRO B 86 -16.49 8.62 -0.02
C PRO B 86 -17.60 8.92 0.97
N ASP B 87 -17.24 9.56 2.08
CA ASP B 87 -18.23 10.12 2.99
C ASP B 87 -18.79 11.36 2.35
N ALA B 88 -20.05 11.27 1.90
CA ALA B 88 -20.69 12.37 1.18
C ALA B 88 -20.77 13.65 2.01
N ASN B 89 -20.58 13.52 3.32
CA ASN B 89 -20.70 14.66 4.23
C ASN B 89 -19.37 15.17 4.78
N TRP B 90 -18.26 14.54 4.38
CA TRP B 90 -16.95 14.96 4.84
C TRP B 90 -16.48 16.19 4.06
N LYS B 91 -16.02 17.20 4.79
CA LYS B 91 -15.50 18.42 4.19
C LYS B 91 -14.04 18.61 4.61
N PRO B 92 -13.20 19.10 3.69
CA PRO B 92 -11.81 19.36 4.08
C PRO B 92 -11.69 20.60 4.96
N LEU B 93 -10.47 20.90 5.41
CA LEU B 93 -10.24 22.01 6.31
C LEU B 93 -10.55 23.35 5.64
N GLY B 94 -11.27 24.19 6.37
CA GLY B 94 -11.60 25.53 5.90
C GLY B 94 -12.69 25.54 4.85
N TRP B 95 -13.47 24.46 4.79
CA TRP B 95 -14.48 24.32 3.75
C TRP B 95 -15.64 25.28 3.97
N HIS B 96 -15.81 26.21 3.02
CA HIS B 96 -16.93 27.13 3.02
C HIS B 96 -17.40 27.33 1.59
N GLN B 97 -18.50 26.67 1.23
CA GLN B 97 -19.00 26.68 -0.14
C GLN B 97 -19.94 27.85 -0.39
N VAL B 98 -19.79 28.49 -1.55
N VAL B 98 -19.78 28.49 -1.54
CA VAL B 98 -20.63 29.61 -1.95
CA VAL B 98 -20.66 29.57 -1.96
C VAL B 98 -20.81 29.61 -3.46
C VAL B 98 -20.83 29.56 -3.47
N ALA B 99 -22.00 29.99 -3.91
CA ALA B 99 -22.27 30.12 -5.34
C ALA B 99 -21.53 31.35 -5.85
N THR B 100 -21.03 31.28 -7.07
CA THR B 100 -20.19 32.34 -7.63
C THR B 100 -20.71 32.85 -8.97
N ASN B 101 -20.48 34.13 -9.23
CA ASN B 101 -20.92 34.77 -10.45
C ASN B 101 -19.91 34.54 -11.58
N ASP B 102 -19.60 33.27 -11.84
CA ASP B 102 -18.69 32.89 -12.91
C ASP B 102 -19.12 31.56 -13.54
N HIS B 103 -18.34 31.08 -14.50
CA HIS B 103 -18.73 29.90 -15.28
C HIS B 103 -18.58 28.58 -14.54
N TYR B 104 -17.94 28.62 -13.37
CA TYR B 104 -17.85 27.43 -12.53
C TYR B 104 -19.15 27.23 -11.76
N GLY B 105 -19.80 28.33 -11.40
CA GLY B 105 -21.06 28.28 -10.69
C GLY B 105 -20.89 28.17 -9.18
N HIS B 106 -19.70 27.79 -8.75
CA HIS B 106 -19.40 27.69 -7.32
C HIS B 106 -17.94 28.05 -7.06
N ALA B 107 -17.58 28.09 -5.78
CA ALA B 107 -16.28 28.63 -5.38
C ALA B 107 -15.19 27.58 -5.26
N VAL B 108 -15.42 26.54 -4.45
CA VAL B 108 -14.37 25.61 -4.08
C VAL B 108 -14.69 24.16 -4.45
N ASP B 109 -13.64 23.39 -4.77
CA ASP B 109 -13.75 21.97 -5.03
C ASP B 109 -12.96 21.18 -4.00
N LYS B 110 -13.27 19.89 -3.87
CA LYS B 110 -12.48 19.00 -3.06
C LYS B 110 -11.17 18.77 -3.82
N GLY B 111 -10.14 19.50 -3.45
CA GLY B 111 -8.90 19.54 -4.21
C GLY B 111 -7.93 18.44 -3.85
N ALA B 112 -7.87 17.41 -4.70
CA ALA B 112 -6.96 16.29 -4.48
C ALA B 112 -5.52 16.73 -4.68
N LEU B 113 -4.64 16.28 -3.80
CA LEU B 113 -3.21 16.46 -4.02
C LEU B 113 -2.79 15.54 -5.16
N ILE B 114 -2.95 14.24 -4.96
CA ILE B 114 -2.67 13.26 -5.99
C ILE B 114 -3.97 12.83 -6.67
N ALA B 115 -4.05 13.08 -7.97
CA ALA B 115 -5.30 12.90 -8.72
C ALA B 115 -5.78 11.45 -8.72
N TYR B 116 -7.11 11.30 -8.64
CA TYR B 116 -7.76 10.01 -8.69
C TYR B 116 -7.38 9.22 -9.93
N ALA B 117 -7.38 9.89 -11.08
CA ALA B 117 -7.09 9.23 -12.35
C ALA B 117 -5.64 8.76 -12.45
N LEU B 118 -4.74 9.43 -11.73
CA LEU B 118 -3.31 9.14 -11.83
C LEU B 118 -2.88 7.96 -10.96
N ALA B 119 -3.43 7.87 -9.76
CA ALA B 119 -2.96 6.89 -8.78
C ALA B 119 -4.08 6.03 -8.18
N GLY B 120 -5.30 6.18 -8.69
CA GLY B 120 -6.47 5.55 -8.09
C GLY B 120 -6.48 4.04 -8.03
N ASN B 121 -5.63 3.38 -8.82
CA ASN B 121 -5.59 1.92 -8.82
C ASN B 121 -4.45 1.35 -7.98
N PHE B 122 -3.88 2.19 -7.12
CA PHE B 122 -2.90 1.70 -6.16
C PHE B 122 -3.66 1.13 -4.97
N LYS B 123 -3.55 -0.19 -4.80
CA LYS B 123 -4.31 -0.89 -3.78
C LYS B 123 -3.95 -0.40 -2.39
N GLY B 124 -4.97 -0.16 -1.57
CA GLY B 124 -4.78 0.27 -0.20
C GLY B 124 -4.90 1.78 -0.03
N TRP B 125 -4.89 2.50 -1.15
CA TRP B 125 -4.90 3.96 -1.12
C TRP B 125 -6.29 4.54 -1.31
N ASP B 126 -6.72 5.37 -0.36
CA ASP B 126 -8.01 6.04 -0.44
C ASP B 126 -8.00 7.07 -1.56
N ALA B 127 -8.57 6.69 -2.70
CA ALA B 127 -8.59 7.56 -3.88
C ALA B 127 -9.81 8.46 -3.89
N SER B 128 -10.58 8.45 -2.81
CA SER B 128 -11.83 9.20 -2.75
C SER B 128 -11.60 10.67 -2.44
N VAL B 129 -12.65 11.47 -2.59
CA VAL B 129 -12.59 12.90 -2.30
C VAL B 129 -12.65 13.18 -0.79
N SER B 130 -12.69 12.13 0.02
CA SER B 130 -12.73 12.27 1.47
C SER B 130 -11.53 11.65 2.18
N ASN B 131 -10.42 11.48 1.45
CA ASN B 131 -9.17 11.09 2.07
C ASN B 131 -8.59 12.32 2.77
N PRO B 132 -8.63 12.35 4.11
CA PRO B 132 -8.29 13.60 4.78
C PRO B 132 -6.83 14.02 4.69
N GLN B 133 -5.98 13.20 4.07
CA GLN B 133 -4.56 13.52 3.91
C GLN B 133 -4.24 13.89 2.46
N ASN B 134 -5.22 13.76 1.57
CA ASN B 134 -5.01 13.98 0.15
C ASN B 134 -5.95 15.04 -0.43
N VAL B 135 -6.75 15.66 0.42
CA VAL B 135 -7.75 16.61 -0.05
C VAL B 135 -7.72 17.88 0.78
N VAL B 136 -7.70 19.02 0.10
CA VAL B 136 -7.76 20.33 0.74
C VAL B 136 -8.88 21.13 0.11
N THR B 137 -9.17 22.29 0.69
CA THR B 137 -10.10 23.24 0.11
C THR B 137 -9.40 24.00 -1.00
N GLN B 138 -9.82 23.75 -2.24
CA GLN B 138 -9.20 24.36 -3.41
C GLN B 138 -10.24 25.04 -4.29
N THR B 139 -9.89 26.21 -4.81
CA THR B 139 -10.81 26.97 -5.64
C THR B 139 -11.16 26.17 -6.89
N ALA B 140 -12.37 26.38 -7.40
CA ALA B 140 -12.82 25.68 -8.59
C ALA B 140 -11.87 25.99 -9.74
N HIS B 141 -11.46 27.25 -9.84
CA HIS B 141 -10.58 27.65 -10.91
C HIS B 141 -9.22 26.95 -10.87
N SER B 142 -8.53 27.02 -9.74
CA SER B 142 -7.19 26.46 -9.64
C SER B 142 -7.23 24.94 -9.70
N ASN B 143 -8.37 24.36 -9.34
CA ASN B 143 -8.57 22.92 -9.42
C ASN B 143 -8.82 22.46 -10.86
N GLN B 144 -9.74 23.15 -11.54
CA GLN B 144 -10.29 22.69 -12.81
C GLN B 144 -9.57 23.20 -14.07
N SER B 145 -9.02 24.40 -14.00
CA SER B 145 -8.58 25.11 -15.20
C SER B 145 -7.59 24.35 -16.07
N ASN B 146 -8.00 24.08 -17.31
CA ASN B 146 -7.12 23.50 -18.31
C ASN B 146 -6.77 24.54 -19.38
N GLN B 147 -7.08 25.81 -19.11
CA GLN B 147 -6.74 26.89 -20.01
C GLN B 147 -5.23 27.05 -20.08
N LYS B 148 -4.66 26.86 -21.27
CA LYS B 148 -3.22 26.92 -21.46
C LYS B 148 -2.65 28.28 -21.10
N ILE B 149 -3.52 29.30 -21.06
CA ILE B 149 -3.10 30.67 -20.81
C ILE B 149 -3.47 31.15 -19.41
N ASN B 150 -4.28 30.36 -18.72
CA ASN B 150 -4.64 30.63 -17.32
C ASN B 150 -4.79 29.30 -16.59
N ARG B 151 -3.65 28.67 -16.33
CA ARG B 151 -3.61 27.26 -15.94
C ARG B 151 -4.01 27.01 -14.48
N GLY B 152 -4.64 25.85 -14.29
CA GLY B 152 -4.94 25.34 -12.96
C GLY B 152 -4.27 23.99 -12.82
N GLN B 153 -4.46 23.36 -11.66
CA GLN B 153 -3.82 22.09 -11.38
C GLN B 153 -4.21 21.03 -12.42
N ASN B 154 -5.40 21.15 -12.99
CA ASN B 154 -5.88 20.19 -13.98
C ASN B 154 -4.98 20.15 -15.21
N TYR B 155 -4.50 21.31 -15.63
CA TYR B 155 -3.65 21.41 -16.80
C TYR B 155 -2.42 20.53 -16.64
N TYR B 156 -1.84 20.55 -15.44
CA TYR B 156 -0.61 19.84 -15.18
C TYR B 156 -0.83 18.36 -14.92
N GLU B 157 -1.97 18.00 -14.35
CA GLU B 157 -2.32 16.60 -14.17
C GLU B 157 -2.59 15.95 -15.51
N SER B 158 -3.08 16.74 -16.47
CA SER B 158 -3.33 16.25 -17.81
C SER B 158 -2.03 15.95 -18.54
N LEU B 159 -1.01 16.78 -18.32
CA LEU B 159 0.31 16.53 -18.87
C LEU B 159 0.83 15.21 -18.33
N VAL B 160 0.71 15.03 -17.01
CA VAL B 160 1.17 13.81 -16.36
C VAL B 160 0.38 12.60 -16.89
N ARG B 161 -0.94 12.75 -17.00
CA ARG B 161 -1.81 11.68 -17.45
C ARG B 161 -1.45 11.26 -18.88
N LYS B 162 -1.26 12.25 -19.74
CA LYS B 162 -0.92 12.00 -21.14
C LYS B 162 0.45 11.31 -21.24
N ALA B 163 1.35 11.67 -20.34
CA ALA B 163 2.66 11.04 -20.31
C ALA B 163 2.54 9.57 -19.91
N VAL B 164 1.80 9.30 -18.85
CA VAL B 164 1.57 7.94 -18.41
C VAL B 164 0.89 7.13 -19.51
N ASP B 165 -0.03 7.75 -20.23
CA ASP B 165 -0.78 7.06 -21.27
C ASP B 165 0.06 6.82 -22.53
N GLN B 166 1.28 7.36 -22.52
CA GLN B 166 2.28 7.05 -23.55
C GLN B 166 3.27 6.01 -23.01
N ASN B 167 2.99 5.52 -21.80
CA ASN B 167 3.84 4.54 -21.12
C ASN B 167 5.13 5.13 -20.55
N LYS B 168 5.10 6.41 -20.22
CA LYS B 168 6.18 7.04 -19.47
C LYS B 168 5.94 6.84 -17.99
N ARG B 169 7.02 6.74 -17.21
CA ARG B 169 6.92 6.67 -15.76
C ARG B 169 7.25 8.04 -15.19
N VAL B 170 6.40 8.53 -14.30
CA VAL B 170 6.52 9.91 -13.80
C VAL B 170 6.63 10.00 -12.28
N ARG B 171 7.76 10.50 -11.81
CA ARG B 171 7.94 10.82 -10.41
C ARG B 171 7.20 12.12 -10.14
N TYR B 172 6.39 12.13 -9.09
CA TYR B 172 5.42 13.19 -8.87
C TYR B 172 5.44 13.65 -7.42
N ARG B 173 5.29 14.95 -7.21
CA ARG B 173 5.20 15.50 -5.87
C ARG B 173 4.28 16.70 -5.86
N VAL B 174 3.32 16.68 -4.94
CA VAL B 174 2.37 17.77 -4.74
C VAL B 174 2.41 18.21 -3.29
N THR B 175 2.72 19.48 -3.08
CA THR B 175 2.84 20.05 -1.75
C THR B 175 1.94 21.26 -1.61
N PRO B 176 0.96 21.19 -0.68
CA PRO B 176 0.17 22.40 -0.39
C PRO B 176 1.00 23.41 0.39
N LEU B 177 0.93 24.68 0.01
CA LEU B 177 1.71 25.73 0.65
C LEU B 177 0.85 26.58 1.58
N TYR B 178 1.23 26.61 2.85
CA TYR B 178 0.51 27.37 3.87
C TYR B 178 1.34 28.59 4.29
N ARG B 179 0.68 29.72 4.49
CA ARG B 179 1.35 30.95 4.89
C ARG B 179 2.02 30.81 6.25
N ASN B 180 1.40 30.00 7.12
CA ASN B 180 1.83 29.89 8.50
C ASN B 180 1.39 28.56 9.12
N ASP B 181 1.50 28.46 10.44
CA ASP B 181 1.17 27.23 11.17
C ASP B 181 -0.23 27.26 11.76
N THR B 182 -1.07 28.17 11.26
CA THR B 182 -2.44 28.30 11.73
C THR B 182 -3.45 28.19 10.60
N ASP B 183 -3.04 28.61 9.40
CA ASP B 183 -3.91 28.57 8.23
C ASP B 183 -4.51 27.19 8.00
N LEU B 184 -5.82 27.16 7.74
CA LEU B 184 -6.51 25.91 7.44
C LEU B 184 -6.41 25.55 5.96
N VAL B 185 -6.33 26.58 5.12
CA VAL B 185 -6.33 26.39 3.68
C VAL B 185 -4.98 26.80 3.12
N PRO B 186 -4.46 26.07 2.12
CA PRO B 186 -3.21 26.49 1.46
C PRO B 186 -3.43 27.60 0.44
N PHE B 187 -2.48 28.52 0.32
CA PHE B 187 -2.60 29.64 -0.59
C PHE B 187 -2.14 29.27 -2.00
N ALA B 188 -1.45 28.15 -2.11
CA ALA B 188 -1.03 27.65 -3.41
C ALA B 188 -0.74 26.17 -3.36
N MET B 189 -0.70 25.53 -4.52
CA MET B 189 -0.35 24.11 -4.61
C MET B 189 0.92 23.98 -5.44
N HIS B 190 1.94 23.38 -4.84
CA HIS B 190 3.23 23.19 -5.49
C HIS B 190 3.25 21.86 -6.24
N LEU B 191 3.35 21.92 -7.57
CA LEU B 191 3.37 20.73 -8.40
C LEU B 191 4.77 20.48 -8.97
N GLU B 192 5.27 19.27 -8.79
CA GLU B 192 6.57 18.87 -9.34
C GLU B 192 6.47 17.53 -10.05
N ALA B 193 7.03 17.44 -11.25
CA ALA B 193 7.01 16.22 -12.03
C ALA B 193 8.26 16.07 -12.87
N LYS B 194 8.73 14.84 -13.01
CA LYS B 194 9.82 14.51 -13.92
C LYS B 194 9.69 13.07 -14.38
N SER B 195 9.58 12.87 -15.69
CA SER B 195 9.49 11.53 -16.23
C SER B 195 10.86 10.86 -16.26
N GLN B 196 10.83 9.53 -16.15
CA GLN B 196 12.01 8.70 -16.10
C GLN B 196 12.88 8.88 -17.35
N ASP B 197 12.23 9.19 -18.47
CA ASP B 197 12.93 9.38 -19.74
C ASP B 197 13.43 10.82 -19.89
N GLY B 198 12.76 11.76 -19.22
CA GLY B 198 13.19 13.15 -19.19
C GLY B 198 12.36 14.12 -20.01
N THR B 199 11.51 13.61 -20.89
CA THR B 199 10.73 14.47 -21.77
C THR B 199 9.72 15.32 -21.03
N LEU B 200 9.24 14.83 -19.88
CA LEU B 200 8.30 15.59 -19.06
C LEU B 200 8.99 16.12 -17.82
N GLU B 201 8.95 17.43 -17.64
CA GLU B 201 9.40 18.05 -16.40
C GLU B 201 8.70 19.38 -16.16
N PHE B 202 8.33 19.63 -14.91
CA PHE B 202 7.84 20.95 -14.52
C PHE B 202 7.95 21.15 -13.02
N ASN B 203 7.92 22.41 -12.63
CA ASN B 203 7.98 22.81 -11.24
C ASN B 203 7.18 24.10 -11.12
N VAL B 204 5.96 23.99 -10.60
CA VAL B 204 5.05 25.13 -10.60
C VAL B 204 4.29 25.25 -9.30
N ALA B 205 3.82 26.48 -9.04
CA ALA B 205 2.91 26.74 -7.94
C ALA B 205 1.62 27.29 -8.55
N ILE B 206 0.51 26.62 -8.27
CA ILE B 206 -0.80 27.06 -8.75
C ILE B 206 -1.45 27.89 -7.65
N PRO B 207 -1.65 29.20 -7.89
CA PRO B 207 -2.34 30.02 -6.90
C PRO B 207 -3.73 29.50 -6.57
N ASN B 208 -3.99 29.30 -5.28
CA ASN B 208 -5.30 28.86 -4.83
C ASN B 208 -6.25 30.06 -4.82
N THR B 209 -6.56 30.54 -6.01
CA THR B 209 -7.33 31.77 -6.17
C THR B 209 -8.38 31.61 -7.25
N GLN B 210 -9.22 32.63 -7.40
CA GLN B 210 -10.28 32.66 -8.38
C GLN B 210 -10.74 34.09 -8.57
N ALA B 211 -10.97 34.46 -9.83
CA ALA B 211 -11.21 35.84 -10.20
C ALA B 211 -12.41 36.46 -9.50
N SER B 212 -13.46 35.69 -9.23
CA SER B 212 -14.67 36.33 -8.74
C SER B 212 -14.64 36.66 -7.25
N TYR B 213 -13.76 36.03 -6.47
CA TYR B 213 -13.67 36.31 -5.01
C TYR B 213 -12.25 36.36 -4.37
N THR B 214 -12.19 36.64 -3.05
CA THR B 214 -10.97 36.56 -2.27
C THR B 214 -11.25 35.62 -1.08
N MET B 215 -10.27 34.80 -0.75
CA MET B 215 -10.40 33.86 0.35
C MET B 215 -9.47 34.23 1.51
N ASP B 216 -9.98 34.06 2.73
CA ASP B 216 -9.15 34.16 3.92
C ASP B 216 -8.63 32.77 4.25
N TYR B 217 -7.37 32.53 3.97
CA TYR B 217 -6.79 31.20 4.11
C TYR B 217 -6.68 30.77 5.57
N ALA B 218 -6.90 31.70 6.48
CA ALA B 218 -6.89 31.38 7.90
C ALA B 218 -8.12 30.57 8.25
N THR B 219 -9.24 30.91 7.63
CA THR B 219 -10.53 30.30 7.95
C THR B 219 -11.10 29.55 6.76
N GLY B 220 -10.70 29.96 5.55
CA GLY B 220 -11.26 29.41 4.34
C GLY B 220 -12.54 30.11 3.92
N GLU B 221 -12.92 31.14 4.67
CA GLU B 221 -14.12 31.91 4.35
C GLU B 221 -13.89 32.79 3.13
N ILE B 222 -14.93 32.94 2.33
CA ILE B 222 -14.85 33.63 1.04
C ILE B 222 -15.59 34.96 1.06
N THR B 223 -15.09 35.91 0.28
CA THR B 223 -15.74 37.19 0.10
C THR B 223 -15.78 37.53 -1.39
N LEU B 224 -16.97 37.47 -1.97
CA LEU B 224 -17.15 37.72 -3.39
C LEU B 224 -16.80 39.16 -3.74
N ASN B 225 -16.37 39.37 -4.99
CA ASN B 225 -16.06 40.70 -5.48
C ASN B 225 -17.34 41.50 -5.74
N ALA C 4 -19.49 -28.92 -3.33
CA ALA C 4 -20.19 -30.09 -3.84
C ALA C 4 -21.21 -29.69 -4.91
N ALA C 5 -22.39 -29.26 -4.48
CA ALA C 5 -23.43 -28.84 -5.41
C ALA C 5 -23.11 -27.49 -6.04
N SER C 6 -22.28 -26.70 -5.35
CA SER C 6 -21.85 -25.41 -5.85
C SER C 6 -20.90 -25.57 -7.02
N SER C 7 -20.40 -26.78 -7.23
CA SER C 7 -19.52 -27.07 -8.36
C SER C 7 -20.25 -27.84 -9.47
N VAL C 8 -21.50 -27.46 -9.71
CA VAL C 8 -22.27 -28.01 -10.82
C VAL C 8 -23.05 -26.86 -11.45
N ASP C 9 -22.85 -26.66 -12.75
CA ASP C 9 -23.33 -25.47 -13.47
C ASP C 9 -24.74 -25.03 -13.13
N THR C 10 -25.64 -25.99 -13.01
CA THR C 10 -27.07 -25.71 -13.03
C THR C 10 -27.78 -26.08 -11.74
N SER C 11 -27.03 -26.48 -10.73
CA SER C 11 -27.62 -26.73 -9.41
C SER C 11 -28.26 -25.44 -8.93
N GLN C 12 -29.27 -25.55 -8.09
CA GLN C 12 -29.91 -24.38 -7.52
C GLN C 12 -28.89 -23.61 -6.69
N GLU C 13 -27.98 -24.34 -6.05
CA GLU C 13 -26.93 -23.73 -5.23
C GLU C 13 -26.03 -22.85 -6.08
N PHE C 14 -25.62 -23.35 -7.25
CA PHE C 14 -24.80 -22.56 -8.15
C PHE C 14 -25.54 -21.31 -8.59
N GLN C 15 -26.83 -21.45 -8.86
CA GLN C 15 -27.63 -20.33 -9.33
C GLN C 15 -27.88 -19.31 -8.22
N ASN C 16 -27.94 -19.78 -6.97
CA ASN C 16 -28.06 -18.86 -5.84
C ASN C 16 -26.78 -18.05 -5.67
N ASN C 17 -25.64 -18.71 -5.83
CA ASN C 17 -24.35 -18.03 -5.77
C ASN C 17 -24.23 -17.02 -6.90
N LEU C 18 -24.61 -17.45 -8.10
CA LEU C 18 -24.62 -16.55 -9.26
C LEU C 18 -25.46 -15.32 -8.96
N LYS C 19 -26.69 -15.54 -8.50
CA LYS C 19 -27.60 -14.45 -8.18
C LYS C 19 -27.00 -13.50 -7.12
N ASN C 20 -26.34 -14.08 -6.13
CA ASN C 20 -25.71 -13.30 -5.07
C ASN C 20 -24.57 -12.44 -5.62
N ALA C 21 -23.99 -12.86 -6.73
CA ALA C 21 -22.85 -12.17 -7.31
C ALA C 21 -23.24 -11.09 -8.32
N ILE C 22 -24.29 -11.35 -9.10
CA ILE C 22 -24.73 -10.40 -10.13
C ILE C 22 -25.95 -9.60 -9.71
N GLY C 23 -26.65 -10.10 -8.68
CA GLY C 23 -27.78 -9.37 -8.11
C GLY C 23 -29.06 -9.46 -8.92
N ASN C 24 -29.65 -8.30 -9.17
CA ASN C 24 -30.98 -8.20 -9.77
C ASN C 24 -31.05 -8.73 -11.21
N LEU C 25 -29.89 -8.95 -11.81
CA LEU C 25 -29.84 -9.31 -13.23
C LEU C 25 -30.52 -10.63 -13.55
N PRO C 26 -31.33 -10.66 -14.64
CA PRO C 26 -31.85 -11.94 -15.12
C PRO C 26 -30.76 -12.79 -15.76
N PHE C 27 -31.02 -14.08 -15.90
CA PHE C 27 -30.10 -14.96 -16.61
C PHE C 27 -30.83 -16.15 -17.21
N GLN C 28 -30.27 -16.67 -18.30
CA GLN C 28 -30.76 -17.89 -18.94
C GLN C 28 -29.57 -18.76 -19.26
N TYR C 29 -29.65 -20.04 -18.89
CA TYR C 29 -28.59 -20.99 -19.17
C TYR C 29 -28.80 -21.59 -20.56
N VAL C 30 -27.83 -21.38 -21.43
CA VAL C 30 -27.88 -21.89 -22.79
C VAL C 30 -26.47 -22.08 -23.29
N ASN C 31 -26.26 -23.18 -24.04
CA ASN C 31 -24.95 -23.51 -24.59
C ASN C 31 -23.87 -23.70 -23.51
N GLY C 32 -24.28 -24.12 -22.33
CA GLY C 32 -23.34 -24.46 -21.28
C GLY C 32 -22.84 -23.25 -20.50
N ILE C 33 -23.47 -22.11 -20.70
CA ILE C 33 -23.08 -20.88 -20.01
C ILE C 33 -24.33 -20.09 -19.65
N TYR C 34 -24.16 -19.10 -18.78
CA TYR C 34 -25.26 -18.23 -18.38
C TYR C 34 -25.22 -16.94 -19.16
N GLU C 35 -26.28 -16.66 -19.92
CA GLU C 35 -26.42 -15.37 -20.58
C GLU C 35 -27.14 -14.44 -19.63
N LEU C 36 -26.48 -13.35 -19.25
CA LEU C 36 -27.02 -12.44 -18.25
C LEU C 36 -27.66 -11.22 -18.91
N ASN C 37 -28.80 -10.81 -18.36
CA ASN C 37 -29.49 -9.61 -18.81
C ASN C 37 -29.80 -9.64 -20.30
N ASN C 38 -30.26 -10.80 -20.77
CA ASN C 38 -30.54 -11.00 -22.19
C ASN C 38 -29.32 -10.67 -23.05
N ASN C 39 -28.14 -10.92 -22.49
CA ASN C 39 -26.89 -10.78 -23.22
C ASN C 39 -26.54 -9.33 -23.55
N GLN C 40 -27.01 -8.41 -22.71
CA GLN C 40 -26.70 -7.00 -22.85
C GLN C 40 -25.89 -6.53 -21.65
N THR C 41 -24.98 -5.58 -21.88
CA THR C 41 -24.15 -5.02 -20.82
C THR C 41 -24.20 -3.50 -20.82
N ASN C 42 -23.96 -2.90 -19.66
CA ASN C 42 -24.02 -1.46 -19.51
C ASN C 42 -22.75 -0.75 -19.98
N LEU C 43 -21.74 -1.53 -20.37
CA LEU C 43 -20.45 -0.97 -20.75
C LEU C 43 -20.58 0.15 -21.77
N ASN C 44 -19.84 1.23 -21.54
CA ASN C 44 -19.81 2.36 -22.46
C ASN C 44 -18.69 2.18 -23.47
N ALA C 45 -19.05 1.86 -24.70
CA ALA C 45 -18.08 1.55 -25.75
C ALA C 45 -17.96 2.70 -26.75
N ASP C 46 -19.01 3.51 -26.87
CA ASP C 46 -18.96 4.69 -27.72
C ASP C 46 -18.03 5.73 -27.11
N VAL C 47 -16.76 5.36 -27.00
CA VAL C 47 -15.77 6.17 -26.29
C VAL C 47 -14.45 6.19 -27.05
N ASN C 48 -13.91 7.39 -27.24
CA ASN C 48 -12.62 7.57 -27.90
C ASN C 48 -11.49 7.46 -26.90
N VAL C 49 -11.49 6.36 -26.13
CA VAL C 49 -10.44 6.10 -25.17
C VAL C 49 -9.32 5.34 -25.84
N LYS C 50 -8.10 5.74 -25.57
CA LYS C 50 -6.94 4.98 -25.99
C LYS C 50 -7.06 3.58 -25.38
N ALA C 51 -6.62 2.57 -26.12
CA ALA C 51 -6.68 1.21 -25.64
C ALA C 51 -5.94 1.09 -24.31
N TYR C 52 -6.46 0.26 -23.41
CA TYR C 52 -5.85 0.06 -22.11
C TYR C 52 -6.27 -1.25 -21.46
N VAL C 53 -5.54 -1.64 -20.42
CA VAL C 53 -5.95 -2.73 -19.55
C VAL C 53 -5.80 -2.29 -18.11
N GLN C 54 -6.76 -2.65 -17.27
CA GLN C 54 -6.71 -2.35 -15.85
C GLN C 54 -7.13 -3.56 -15.04
N ASN C 55 -6.17 -4.16 -14.35
CA ASN C 55 -6.43 -5.24 -13.41
C ASN C 55 -6.64 -4.67 -12.02
N THR C 56 -7.35 -5.40 -11.19
CA THR C 56 -7.51 -5.03 -9.78
C THR C 56 -7.48 -6.29 -8.92
N ILE C 57 -7.29 -6.10 -7.62
CA ILE C 57 -7.45 -7.18 -6.65
C ILE C 57 -8.41 -6.68 -5.57
N ASP C 58 -9.15 -7.60 -4.96
CA ASP C 58 -10.07 -7.23 -3.90
C ASP C 58 -9.36 -7.18 -2.55
N ASN C 59 -10.10 -6.85 -1.50
CA ASN C 59 -9.52 -6.71 -0.17
C ASN C 59 -9.02 -8.03 0.41
N GLN C 60 -9.24 -9.12 -0.33
CA GLN C 60 -8.72 -10.43 0.05
C GLN C 60 -7.50 -10.76 -0.80
N GLN C 61 -7.05 -9.79 -1.58
CA GLN C 61 -5.91 -9.95 -2.48
C GLN C 61 -6.17 -11.00 -3.56
N ARG C 62 -7.43 -11.18 -3.93
CA ARG C 62 -7.80 -12.08 -5.02
C ARG C 62 -7.99 -11.25 -6.29
N PRO C 63 -7.62 -11.81 -7.46
CA PRO C 63 -7.93 -11.11 -8.71
C PRO C 63 -9.38 -10.69 -8.77
N SER C 64 -9.60 -9.44 -9.17
CA SER C 64 -10.95 -8.90 -9.20
C SER C 64 -11.21 -8.24 -10.55
N THR C 65 -12.16 -7.31 -10.58
CA THR C 65 -12.64 -6.73 -11.84
C THR C 65 -11.51 -6.23 -12.73
N ALA C 66 -11.48 -6.77 -13.94
CA ALA C 66 -10.52 -6.33 -14.95
C ALA C 66 -11.25 -5.58 -16.05
N ASN C 67 -10.73 -4.42 -16.44
CA ASN C 67 -11.31 -3.61 -17.49
C ASN C 67 -10.34 -3.37 -18.63
N ALA C 68 -10.89 -3.25 -19.84
CA ALA C 68 -10.07 -2.95 -21.01
C ALA C 68 -10.85 -2.28 -22.12
N MET C 69 -10.14 -1.44 -22.88
CA MET C 69 -10.60 -0.98 -24.18
C MET C 69 -9.62 -1.59 -25.18
N LEU C 70 -10.14 -2.39 -26.10
CA LEU C 70 -9.29 -3.17 -27.00
C LEU C 70 -9.41 -2.72 -28.45
N ASP C 71 -8.29 -2.74 -29.16
CA ASP C 71 -8.25 -2.57 -30.60
C ASP C 71 -6.96 -3.18 -31.13
N ARG C 72 -6.66 -2.95 -32.41
CA ARG C 72 -5.53 -3.62 -33.05
C ARG C 72 -4.17 -3.17 -32.51
N THR C 73 -4.13 -2.05 -31.79
CA THR C 73 -2.86 -1.48 -31.35
C THR C 73 -2.17 -2.30 -30.26
N ILE C 74 -2.95 -3.00 -29.44
CA ILE C 74 -2.42 -3.77 -28.31
C ILE C 74 -2.61 -5.28 -28.49
N ARG C 75 -3.30 -5.64 -29.56
CA ARG C 75 -3.42 -7.03 -29.98
C ARG C 75 -2.03 -7.60 -30.29
N GLN C 76 -1.79 -8.83 -29.83
CA GLN C 76 -0.55 -9.54 -30.16
C GLN C 76 -0.84 -10.85 -30.88
N TYR C 77 -0.33 -10.96 -32.10
CA TYR C 77 -0.55 -12.14 -32.93
C TYR C 77 0.47 -13.22 -32.59
N GLN C 78 1.59 -12.81 -31.99
CA GLN C 78 2.62 -13.76 -31.62
C GLN C 78 2.14 -14.67 -30.50
N ASN C 79 2.97 -15.64 -30.14
CA ASN C 79 2.70 -16.51 -29.00
C ASN C 79 3.72 -16.21 -27.91
N ARG C 80 3.28 -16.27 -26.66
CA ARG C 80 4.17 -15.98 -25.52
C ARG C 80 5.35 -16.93 -25.52
N ARG C 81 6.53 -16.39 -25.25
CA ARG C 81 7.75 -17.18 -25.26
C ARG C 81 8.90 -16.40 -24.62
N ASP C 87 6.28 -16.46 -15.21
CA ASP C 87 7.01 -17.58 -14.61
C ASP C 87 6.11 -18.82 -14.46
N ALA C 88 6.58 -19.95 -14.98
CA ALA C 88 5.83 -21.19 -14.94
C ALA C 88 5.65 -21.72 -13.53
N ASN C 89 6.65 -21.47 -12.69
CA ASN C 89 6.65 -21.96 -11.30
C ASN C 89 5.54 -21.36 -10.46
N TRP C 90 5.25 -20.08 -10.68
CA TRP C 90 4.20 -19.39 -9.94
C TRP C 90 2.84 -19.99 -10.25
N LYS C 91 2.01 -20.14 -9.22
CA LYS C 91 0.68 -20.72 -9.38
C LYS C 91 -0.38 -19.78 -8.81
N PRO C 92 -1.56 -19.69 -9.45
CA PRO C 92 -2.64 -18.86 -8.91
C PRO C 92 -3.21 -19.40 -7.61
N LEU C 93 -4.17 -18.67 -7.03
CA LEU C 93 -4.76 -19.07 -5.76
C LEU C 93 -5.61 -20.32 -5.88
N GLY C 94 -5.42 -21.24 -4.92
CA GLY C 94 -6.18 -22.47 -4.87
C GLY C 94 -5.75 -23.51 -5.89
N TRP C 95 -4.58 -23.32 -6.48
CA TRP C 95 -4.10 -24.23 -7.52
C TRP C 95 -3.84 -25.64 -7.00
N HIS C 96 -4.63 -26.59 -7.49
CA HIS C 96 -4.46 -27.99 -7.17
C HIS C 96 -4.69 -28.84 -8.42
N GLN C 97 -3.61 -29.29 -9.03
CA GLN C 97 -3.69 -30.00 -10.30
C GLN C 97 -3.96 -31.49 -10.12
N VAL C 98 -4.80 -32.02 -11.01
N VAL C 98 -4.82 -32.02 -10.98
CA VAL C 98 -5.15 -33.43 -11.03
CA VAL C 98 -5.03 -33.46 -11.05
C VAL C 98 -5.29 -33.90 -12.49
C VAL C 98 -5.18 -33.88 -12.50
N ALA C 99 -5.04 -35.17 -12.74
CA ALA C 99 -5.24 -35.74 -14.07
C ALA C 99 -6.69 -36.18 -14.19
N THR C 100 -7.27 -36.05 -15.37
CA THR C 100 -8.69 -36.34 -15.58
C THR C 100 -8.91 -37.27 -16.76
N ASN C 101 -10.11 -37.82 -16.86
CA ASN C 101 -10.45 -38.75 -17.92
C ASN C 101 -10.78 -38.08 -19.25
N ASP C 102 -11.17 -36.81 -19.19
CA ASP C 102 -11.62 -36.08 -20.37
C ASP C 102 -10.47 -35.76 -21.33
N HIS C 103 -10.80 -35.09 -22.43
CA HIS C 103 -9.83 -34.81 -23.49
C HIS C 103 -8.86 -33.68 -23.15
N TYR C 104 -9.12 -32.99 -22.04
CA TYR C 104 -8.20 -31.97 -21.58
C TYR C 104 -6.99 -32.61 -20.91
N GLY C 105 -7.20 -33.77 -20.32
CA GLY C 105 -6.12 -34.55 -19.74
C GLY C 105 -5.80 -34.15 -18.31
N HIS C 106 -6.10 -32.91 -17.97
CA HIS C 106 -5.85 -32.39 -16.63
C HIS C 106 -7.04 -31.53 -16.20
N ALA C 107 -7.01 -31.07 -14.96
CA ALA C 107 -8.16 -30.40 -14.37
C ALA C 107 -8.19 -28.88 -14.58
N VAL C 108 -7.06 -28.22 -14.30
CA VAL C 108 -7.04 -26.77 -14.28
C VAL C 108 -5.93 -26.13 -15.11
N ASP C 109 -6.20 -24.92 -15.60
CA ASP C 109 -5.23 -24.12 -16.32
C ASP C 109 -5.05 -22.79 -15.58
N LYS C 110 -3.98 -22.07 -15.91
CA LYS C 110 -3.84 -20.70 -15.44
C LYS C 110 -4.79 -19.83 -16.25
N GLY C 111 -5.85 -19.36 -15.61
CA GLY C 111 -6.89 -18.62 -16.28
C GLY C 111 -6.65 -17.13 -16.29
N ALA C 112 -6.23 -16.60 -17.43
CA ALA C 112 -6.07 -15.17 -17.58
C ALA C 112 -7.43 -14.50 -17.65
N LEU C 113 -7.57 -13.38 -16.96
CA LEU C 113 -8.77 -12.56 -17.05
C LEU C 113 -8.78 -11.83 -18.39
N ILE C 114 -7.69 -11.12 -18.66
CA ILE C 114 -7.50 -10.43 -19.93
C ILE C 114 -6.47 -11.20 -20.75
N ALA C 115 -6.87 -11.66 -21.93
CA ALA C 115 -6.05 -12.58 -22.71
C ALA C 115 -4.82 -11.92 -23.32
N TYR C 116 -3.72 -12.67 -23.33
CA TYR C 116 -2.45 -12.24 -23.90
C TYR C 116 -2.60 -11.82 -25.36
N ALA C 117 -3.38 -12.58 -26.14
CA ALA C 117 -3.55 -12.29 -27.55
C ALA C 117 -4.30 -10.98 -27.77
N LEU C 118 -5.21 -10.64 -26.85
CA LEU C 118 -6.04 -9.46 -27.00
C LEU C 118 -5.33 -8.17 -26.57
N ALA C 119 -4.38 -8.29 -25.65
CA ALA C 119 -3.78 -7.11 -25.04
C ALA C 119 -2.29 -7.30 -24.73
N GLY C 120 -1.63 -8.17 -25.47
CA GLY C 120 -0.23 -8.47 -25.22
C GLY C 120 0.73 -7.35 -25.58
N ASN C 121 0.30 -6.45 -26.45
CA ASN C 121 1.15 -5.33 -26.88
C ASN C 121 0.85 -4.02 -26.15
N PHE C 122 -0.04 -4.09 -25.16
CA PHE C 122 -0.19 -2.99 -24.23
C PHE C 122 1.01 -3.04 -23.30
N LYS C 123 1.92 -2.09 -23.48
CA LYS C 123 3.17 -2.10 -22.74
C LYS C 123 2.96 -1.54 -21.34
N GLY C 124 3.92 -1.80 -20.46
CA GLY C 124 3.83 -1.38 -19.07
C GLY C 124 2.79 -2.18 -18.31
N TRP C 125 2.47 -3.36 -18.84
CA TRP C 125 1.48 -4.25 -18.24
C TRP C 125 1.97 -5.68 -18.30
N ASP C 126 1.91 -6.36 -17.16
CA ASP C 126 2.38 -7.73 -17.04
C ASP C 126 1.46 -8.68 -17.80
N ALA C 127 1.87 -9.07 -18.99
CA ALA C 127 1.05 -9.94 -19.84
C ALA C 127 1.39 -11.41 -19.65
N SER C 128 2.18 -11.72 -18.63
CA SER C 128 2.61 -13.08 -18.38
C SER C 128 1.54 -13.89 -17.65
N VAL C 129 1.78 -15.20 -17.51
CA VAL C 129 0.88 -16.07 -16.76
C VAL C 129 1.22 -16.03 -15.27
N SER C 130 2.06 -15.08 -14.87
CA SER C 130 2.43 -14.92 -13.47
C SER C 130 1.95 -13.60 -12.87
N ASN C 131 1.21 -12.81 -13.64
CA ASN C 131 0.57 -11.60 -13.12
C ASN C 131 -0.46 -11.99 -12.07
N PRO C 132 -0.20 -11.67 -10.79
CA PRO C 132 -1.11 -12.12 -9.74
C PRO C 132 -2.47 -11.41 -9.75
N GLN C 133 -2.59 -10.33 -10.52
CA GLN C 133 -3.83 -9.57 -10.58
C GLN C 133 -4.70 -9.99 -11.76
N ASN C 134 -4.16 -10.89 -12.60
CA ASN C 134 -4.79 -11.22 -13.86
C ASN C 134 -4.87 -12.73 -14.13
N VAL C 135 -4.60 -13.54 -13.12
CA VAL C 135 -4.58 -14.98 -13.30
C VAL C 135 -5.23 -15.72 -12.13
N VAL C 136 -6.24 -16.53 -12.45
CA VAL C 136 -6.93 -17.35 -11.47
C VAL C 136 -6.74 -18.83 -11.82
N THR C 137 -7.07 -19.71 -10.89
CA THR C 137 -7.15 -21.13 -11.16
C THR C 137 -8.43 -21.38 -11.93
N GLN C 138 -8.30 -21.89 -13.16
CA GLN C 138 -9.47 -22.10 -14.01
C GLN C 138 -9.50 -23.51 -14.58
N THR C 139 -10.68 -24.12 -14.56
CA THR C 139 -10.84 -25.46 -15.12
C THR C 139 -10.43 -25.41 -16.58
N ALA C 140 -9.78 -26.47 -17.05
CA ALA C 140 -9.30 -26.52 -18.42
C ALA C 140 -10.44 -26.30 -19.40
N HIS C 141 -11.62 -26.79 -19.04
CA HIS C 141 -12.78 -26.68 -19.91
C HIS C 141 -13.25 -25.23 -20.05
N SER C 142 -13.54 -24.58 -18.93
CA SER C 142 -14.04 -23.21 -18.97
C SER C 142 -13.01 -22.27 -19.58
N ASN C 143 -11.74 -22.66 -19.51
CA ASN C 143 -10.67 -21.86 -20.08
C ASN C 143 -10.59 -22.03 -21.60
N GLN C 144 -10.56 -23.29 -22.05
CA GLN C 144 -10.20 -23.61 -23.43
C GLN C 144 -11.38 -23.73 -24.39
N SER C 145 -12.56 -24.03 -23.86
CA SER C 145 -13.66 -24.44 -24.73
C SER C 145 -14.06 -23.41 -25.78
N ASN C 146 -14.06 -23.86 -27.03
CA ASN C 146 -14.55 -23.08 -28.16
C ASN C 146 -15.83 -23.72 -28.72
N GLN C 147 -16.28 -24.79 -28.07
CA GLN C 147 -17.48 -25.51 -28.49
C GLN C 147 -18.69 -24.60 -28.44
N LYS C 148 -19.36 -24.43 -29.58
CA LYS C 148 -20.49 -23.53 -29.66
C LYS C 148 -21.63 -23.96 -28.74
N ILE C 149 -21.77 -25.27 -28.55
CA ILE C 149 -22.84 -25.82 -27.71
C ILE C 149 -22.43 -25.94 -26.25
N ASN C 150 -21.12 -25.87 -26.00
CA ASN C 150 -20.59 -25.93 -24.65
C ASN C 150 -19.44 -24.95 -24.50
N ARG C 151 -19.79 -23.66 -24.45
CA ARG C 151 -18.81 -22.59 -24.58
C ARG C 151 -17.95 -22.40 -23.35
N GLY C 152 -16.70 -22.01 -23.59
CA GLY C 152 -15.78 -21.61 -22.55
C GLY C 152 -15.36 -20.17 -22.78
N GLN C 153 -14.44 -19.69 -21.96
CA GLN C 153 -13.99 -18.32 -22.06
C GLN C 153 -13.34 -18.07 -23.41
N ASN C 154 -12.61 -19.08 -23.90
CA ASN C 154 -11.92 -18.99 -25.18
C ASN C 154 -12.88 -18.69 -26.33
N TYR C 155 -14.12 -19.17 -26.22
CA TYR C 155 -15.11 -18.93 -27.25
C TYR C 155 -15.42 -17.45 -27.38
N TYR C 156 -15.58 -16.78 -26.25
CA TYR C 156 -15.93 -15.37 -26.24
C TYR C 156 -14.71 -14.48 -26.49
N GLU C 157 -13.54 -14.94 -26.05
CA GLU C 157 -12.30 -14.25 -26.36
C GLU C 157 -12.06 -14.26 -27.87
N SER C 158 -12.54 -15.31 -28.54
CA SER C 158 -12.40 -15.43 -29.99
C SER C 158 -13.31 -14.45 -30.72
N LEU C 159 -14.48 -14.17 -30.15
CA LEU C 159 -15.40 -13.22 -30.74
C LEU C 159 -14.83 -11.81 -30.65
N VAL C 160 -14.24 -11.50 -29.50
CA VAL C 160 -13.62 -10.20 -29.30
C VAL C 160 -12.44 -10.04 -30.25
N ARG C 161 -11.62 -11.09 -30.33
CA ARG C 161 -10.45 -11.12 -31.20
C ARG C 161 -10.85 -10.88 -32.65
N LYS C 162 -11.87 -11.58 -33.12
CA LYS C 162 -12.36 -11.42 -34.48
C LYS C 162 -12.85 -10.00 -34.74
N ALA C 163 -13.60 -9.45 -33.79
CA ALA C 163 -14.12 -8.10 -33.90
C ALA C 163 -12.99 -7.09 -34.00
N VAL C 164 -12.04 -7.19 -33.07
CA VAL C 164 -10.88 -6.31 -33.06
C VAL C 164 -10.14 -6.40 -34.39
N ASP C 165 -10.04 -7.60 -34.92
CA ASP C 165 -9.33 -7.85 -36.17
C ASP C 165 -10.13 -7.36 -37.37
N GLN C 166 -11.40 -7.03 -37.15
CA GLN C 166 -12.22 -6.36 -38.16
C GLN C 166 -12.22 -4.85 -37.89
N ASN C 167 -11.18 -4.38 -37.22
CA ASN C 167 -11.00 -2.96 -36.91
C ASN C 167 -12.12 -2.36 -36.06
N LYS C 168 -12.73 -3.19 -35.22
CA LYS C 168 -13.71 -2.70 -34.27
C LYS C 168 -13.01 -2.42 -32.95
N ARG C 169 -13.53 -1.45 -32.21
CA ARG C 169 -13.01 -1.12 -30.88
C ARG C 169 -13.95 -1.67 -29.83
N VAL C 170 -13.41 -2.46 -28.92
CA VAL C 170 -14.19 -3.26 -28.00
C VAL C 170 -13.93 -2.92 -26.53
N ARG C 171 -14.94 -2.36 -25.87
CA ARG C 171 -14.92 -2.19 -24.42
C ARG C 171 -15.16 -3.56 -23.81
N TYR C 172 -14.39 -3.89 -22.78
CA TYR C 172 -14.28 -5.26 -22.31
C TYR C 172 -14.09 -5.28 -20.79
N ARG C 173 -14.91 -6.07 -20.10
CA ARG C 173 -14.80 -6.23 -18.66
C ARG C 173 -14.92 -7.69 -18.24
N VAL C 174 -13.94 -8.16 -17.47
CA VAL C 174 -13.91 -9.54 -16.98
C VAL C 174 -13.81 -9.54 -15.46
N THR C 175 -14.79 -10.13 -14.80
CA THR C 175 -14.84 -10.16 -13.34
C THR C 175 -14.95 -11.60 -12.84
N PRO C 176 -13.97 -12.04 -12.03
CA PRO C 176 -14.15 -13.33 -11.36
C PRO C 176 -15.23 -13.25 -10.31
N LEU C 177 -16.10 -14.26 -10.25
CA LEU C 177 -17.16 -14.30 -9.26
C LEU C 177 -16.80 -15.27 -8.14
N TYR C 178 -16.89 -14.79 -6.91
CA TYR C 178 -16.62 -15.59 -5.73
C TYR C 178 -17.90 -15.77 -4.91
N ARG C 179 -18.08 -16.96 -4.34
CA ARG C 179 -19.25 -17.26 -3.53
C ARG C 179 -19.26 -16.41 -2.26
N ASN C 180 -18.06 -16.10 -1.78
CA ASN C 180 -17.89 -15.41 -0.50
C ASN C 180 -16.51 -14.75 -0.46
N ASP C 181 -16.17 -14.17 0.69
CA ASP C 181 -14.91 -13.44 0.82
C ASP C 181 -13.75 -14.29 1.36
N THR C 182 -13.94 -15.62 1.41
CA THR C 182 -12.88 -16.50 1.89
C THR C 182 -12.42 -17.51 0.84
N ASP C 183 -13.21 -17.70 -0.21
CA ASP C 183 -12.84 -18.63 -1.28
C ASP C 183 -11.57 -18.19 -1.98
N LEU C 184 -10.74 -19.15 -2.37
CA LEU C 184 -9.53 -18.88 -3.13
C LEU C 184 -9.82 -18.82 -4.63
N VAL C 185 -10.79 -19.61 -5.07
CA VAL C 185 -11.06 -19.78 -6.50
C VAL C 185 -12.44 -19.24 -6.87
N PRO C 186 -12.54 -18.53 -8.00
CA PRO C 186 -13.87 -18.06 -8.41
C PRO C 186 -14.75 -19.21 -8.94
N PHE C 187 -16.05 -19.14 -8.67
CA PHE C 187 -16.96 -20.19 -9.12
C PHE C 187 -17.44 -19.94 -10.56
N ALA C 188 -17.14 -18.76 -11.07
CA ALA C 188 -17.52 -18.41 -12.44
C ALA C 188 -16.77 -17.16 -12.88
N MET C 189 -16.66 -16.98 -14.20
N MET C 189 -16.67 -16.99 -14.20
CA MET C 189 -16.04 -15.80 -14.78
CA MET C 189 -16.05 -15.81 -14.79
C MET C 189 -17.08 -14.99 -15.56
C MET C 189 -17.10 -15.00 -15.55
N HIS C 190 -17.31 -13.77 -15.10
CA HIS C 190 -18.26 -12.87 -15.74
C HIS C 190 -17.54 -12.11 -16.86
N LEU C 191 -17.98 -12.33 -18.10
CA LEU C 191 -17.39 -11.66 -19.26
C LEU C 191 -18.40 -10.70 -19.89
N GLU C 192 -17.96 -9.47 -20.15
CA GLU C 192 -18.80 -8.47 -20.80
C GLU C 192 -18.02 -7.81 -21.93
N ALA C 193 -18.70 -7.59 -23.05
CA ALA C 193 -18.10 -6.89 -24.18
C ALA C 193 -19.13 -6.08 -24.93
N LYS C 194 -18.66 -5.01 -25.58
CA LYS C 194 -19.50 -4.22 -26.45
C LYS C 194 -18.62 -3.43 -27.41
N SER C 195 -18.82 -3.64 -28.71
CA SER C 195 -18.05 -2.92 -29.71
C SER C 195 -18.62 -1.52 -29.88
N GLN C 196 -17.79 -0.61 -30.37
CA GLN C 196 -18.19 0.78 -30.52
C GLN C 196 -19.36 0.92 -31.48
N ASP C 197 -19.42 0.07 -32.50
CA ASP C 197 -20.51 0.12 -33.48
C ASP C 197 -21.72 -0.72 -33.02
N GLY C 198 -21.56 -1.41 -31.90
CA GLY C 198 -22.66 -2.14 -31.29
C GLY C 198 -22.93 -3.53 -31.85
N THR C 199 -22.18 -3.92 -32.87
CA THR C 199 -22.41 -5.20 -33.54
C THR C 199 -22.07 -6.37 -32.60
N LEU C 200 -20.96 -6.24 -31.87
CA LEU C 200 -20.57 -7.23 -30.88
C LEU C 200 -21.07 -6.81 -29.51
N GLU C 201 -21.88 -7.65 -28.89
CA GLU C 201 -22.29 -7.42 -27.52
C GLU C 201 -22.69 -8.74 -26.87
N PHE C 202 -22.13 -9.00 -25.70
CA PHE C 202 -22.55 -10.12 -24.89
C PHE C 202 -22.33 -9.82 -23.42
N ASN C 203 -23.00 -10.60 -22.58
CA ASN C 203 -22.86 -10.49 -21.15
C ASN C 203 -23.15 -11.86 -20.57
N VAL C 204 -22.07 -12.57 -20.22
CA VAL C 204 -22.17 -13.97 -19.85
C VAL C 204 -21.38 -14.31 -18.59
N ALA C 205 -21.78 -15.39 -17.94
CA ALA C 205 -21.02 -15.97 -16.85
C ALA C 205 -20.63 -17.38 -17.24
N ILE C 206 -19.32 -17.62 -17.30
CA ILE C 206 -18.79 -18.94 -17.63
C ILE C 206 -18.57 -19.71 -16.33
N PRO C 207 -19.34 -20.78 -16.09
CA PRO C 207 -19.11 -21.55 -14.86
C PRO C 207 -17.70 -22.12 -14.81
N ASN C 208 -17.02 -21.91 -13.70
CA ASN C 208 -15.68 -22.45 -13.52
C ASN C 208 -15.77 -23.93 -13.17
N THR C 209 -16.18 -24.74 -14.15
CA THR C 209 -16.49 -26.14 -13.92
C THR C 209 -15.96 -27.03 -15.03
N GLN C 210 -16.05 -28.34 -14.80
CA GLN C 210 -15.62 -29.35 -15.75
C GLN C 210 -16.43 -30.60 -15.44
N ALA C 211 -16.90 -31.28 -16.48
CA ALA C 211 -17.89 -32.35 -16.32
C ALA C 211 -17.35 -33.54 -15.53
N SER C 212 -16.04 -33.75 -15.56
CA SER C 212 -15.43 -34.95 -15.00
C SER C 212 -15.03 -34.83 -13.53
N TYR C 213 -15.35 -33.70 -12.90
CA TYR C 213 -15.04 -33.53 -11.48
C TYR C 213 -15.82 -32.39 -10.85
N THR C 214 -15.68 -32.27 -9.53
CA THR C 214 -16.21 -31.14 -8.77
C THR C 214 -15.06 -30.50 -8.01
N MET C 215 -15.17 -29.19 -7.78
CA MET C 215 -14.14 -28.45 -7.09
C MET C 215 -14.70 -27.76 -5.86
N ASP C 216 -13.93 -27.75 -4.79
CA ASP C 216 -14.21 -26.91 -3.62
C ASP C 216 -13.57 -25.57 -3.89
N TYR C 217 -14.38 -24.54 -4.11
CA TYR C 217 -13.85 -23.23 -4.45
C TYR C 217 -13.21 -22.55 -3.24
N ALA C 218 -13.49 -23.07 -2.06
CA ALA C 218 -12.87 -22.58 -0.84
C ALA C 218 -11.36 -22.82 -0.90
N THR C 219 -10.97 -24.00 -1.37
CA THR C 219 -9.58 -24.43 -1.37
C THR C 219 -9.06 -24.68 -2.78
N GLY C 220 -9.97 -24.97 -3.69
CA GLY C 220 -9.62 -25.26 -5.07
C GLY C 220 -9.28 -26.73 -5.28
N GLU C 221 -9.47 -27.52 -4.23
CA GLU C 221 -9.16 -28.94 -4.30
C GLU C 221 -10.26 -29.69 -5.04
N ILE C 222 -9.84 -30.71 -5.79
CA ILE C 222 -10.71 -31.35 -6.78
C ILE C 222 -11.03 -32.79 -6.43
N THR C 223 -12.29 -33.17 -6.66
CA THR C 223 -12.77 -34.52 -6.45
C THR C 223 -13.32 -35.06 -7.77
N LEU C 224 -12.65 -36.06 -8.32
CA LEU C 224 -13.09 -36.67 -9.56
C LEU C 224 -14.42 -37.39 -9.35
N ASN C 225 -15.26 -37.40 -10.39
CA ASN C 225 -16.54 -38.08 -10.31
C ASN C 225 -16.37 -39.59 -10.20
N ALA D 4 28.88 18.92 -5.39
CA ALA D 4 30.27 19.09 -5.77
C ALA D 4 31.20 18.64 -4.65
N ALA D 5 31.41 19.52 -3.67
CA ALA D 5 32.22 19.19 -2.50
C ALA D 5 31.48 18.26 -1.56
N SER D 6 30.21 17.97 -1.88
CA SER D 6 29.37 17.12 -1.05
C SER D 6 29.86 15.69 -1.05
N SER D 7 30.74 15.36 -2.00
CA SER D 7 31.26 14.00 -2.14
C SER D 7 32.73 13.89 -1.72
N VAL D 8 33.14 14.75 -0.78
CA VAL D 8 34.46 14.68 -0.19
C VAL D 8 34.28 14.65 1.33
N ASP D 9 34.86 13.64 1.97
CA ASP D 9 34.58 13.31 3.37
C ASP D 9 34.53 14.50 4.32
N THR D 10 35.48 15.42 4.15
CA THR D 10 35.74 16.43 5.18
C THR D 10 35.49 17.87 4.73
N SER D 11 34.96 18.04 3.52
CA SER D 11 34.56 19.38 3.09
C SER D 11 33.56 19.95 4.08
N GLN D 12 33.49 21.27 4.18
CA GLN D 12 32.55 21.89 5.09
C GLN D 12 31.13 21.53 4.68
N GLU D 13 30.91 21.43 3.38
CA GLU D 13 29.60 21.10 2.82
C GLU D 13 29.14 19.74 3.32
N PHE D 14 30.05 18.77 3.32
CA PHE D 14 29.75 17.43 3.79
C PHE D 14 29.36 17.43 5.26
N GLN D 15 30.12 18.16 6.08
CA GLN D 15 29.87 18.20 7.51
C GLN D 15 28.55 18.92 7.83
N ASN D 16 28.18 19.87 6.98
CA ASN D 16 26.89 20.54 7.13
C ASN D 16 25.75 19.60 6.81
N ASN D 17 25.94 18.79 5.76
CA ASN D 17 24.97 17.75 5.41
C ASN D 17 24.83 16.74 6.53
N LEU D 18 25.96 16.30 7.08
CA LEU D 18 25.97 15.37 8.20
C LEU D 18 25.18 15.94 9.37
N LYS D 19 25.49 17.18 9.73
CA LYS D 19 24.84 17.84 10.85
C LYS D 19 23.33 17.92 10.64
N ASN D 20 22.92 18.12 9.39
CA ASN D 20 21.50 18.15 9.05
C ASN D 20 20.85 16.79 9.26
N ALA D 21 21.62 15.74 9.03
CA ALA D 21 21.10 14.38 9.08
C ALA D 21 21.10 13.79 10.48
N ILE D 22 21.99 14.27 11.35
CA ILE D 22 22.09 13.76 12.72
C ILE D 22 21.72 14.81 13.76
N GLY D 23 21.51 16.05 13.30
CA GLY D 23 21.19 17.15 14.19
C GLY D 23 22.43 17.72 14.84
N ASN D 24 22.26 18.46 15.92
CA ASN D 24 23.38 19.05 16.64
C ASN D 24 24.05 18.02 17.53
N LEU D 25 24.41 16.89 16.93
CA LEU D 25 25.10 15.81 17.62
C LEU D 25 26.60 16.03 17.44
N PRO D 26 27.39 15.88 18.52
CA PRO D 26 28.83 16.08 18.35
C PRO D 26 29.47 14.98 17.53
N PHE D 27 30.55 15.31 16.83
CA PHE D 27 31.27 14.33 16.04
C PHE D 27 32.71 14.75 15.81
N GLN D 28 33.59 13.78 15.59
CA GLN D 28 34.95 14.06 15.15
C GLN D 28 35.37 13.04 14.10
N TYR D 29 36.22 13.47 13.18
CA TYR D 29 36.67 12.65 12.07
C TYR D 29 38.01 12.01 12.41
N VAL D 30 38.08 10.67 12.31
CA VAL D 30 39.31 9.96 12.59
C VAL D 30 39.25 8.58 11.94
N ASN D 31 40.40 8.11 11.47
CA ASN D 31 40.50 6.86 10.75
C ASN D 31 39.60 6.81 9.51
N GLY D 32 39.33 7.98 8.92
CA GLY D 32 38.62 8.06 7.67
C GLY D 32 37.09 8.06 7.79
N ILE D 33 36.59 8.12 9.01
CA ILE D 33 35.15 8.11 9.25
C ILE D 33 34.80 9.05 10.39
N TYR D 34 33.50 9.28 10.60
CA TYR D 34 33.03 10.16 11.67
C TYR D 34 32.56 9.36 12.87
N GLU D 35 33.15 9.63 14.03
CA GLU D 35 32.68 9.07 15.28
C GLU D 35 31.67 10.03 15.88
N LEU D 36 30.45 9.55 16.11
CA LEU D 36 29.35 10.39 16.53
C LEU D 36 29.06 10.24 18.02
N ASN D 37 28.79 11.37 18.68
CA ASN D 37 28.41 11.40 20.09
C ASN D 37 29.38 10.62 20.97
N ASN D 38 30.67 10.78 20.70
CA ASN D 38 31.72 10.07 21.44
C ASN D 38 31.59 8.56 21.33
N ASN D 39 31.15 8.09 20.15
CA ASN D 39 31.06 6.67 19.87
C ASN D 39 30.07 5.97 20.79
N GLN D 40 29.10 6.73 21.30
CA GLN D 40 28.03 6.18 22.12
C GLN D 40 26.69 6.30 21.41
N THR D 41 25.88 5.25 21.49
CA THR D 41 24.54 5.25 20.91
C THR D 41 23.50 4.99 21.99
N ASN D 42 22.31 5.55 21.81
CA ASN D 42 21.22 5.39 22.78
C ASN D 42 20.40 4.14 22.51
N LEU D 43 20.94 3.21 21.74
CA LEU D 43 20.33 1.91 21.51
C LEU D 43 20.18 1.18 22.84
N ASN D 44 19.03 0.54 23.03
CA ASN D 44 18.79 -0.25 24.23
C ASN D 44 19.03 -1.71 23.95
N ALA D 45 20.09 -2.25 24.55
CA ALA D 45 20.50 -3.63 24.30
C ALA D 45 20.22 -4.54 25.49
N ASP D 46 19.61 -4.00 26.54
CA ASP D 46 19.27 -4.80 27.70
C ASP D 46 17.97 -5.57 27.48
N VAL D 47 17.28 -5.24 26.40
CA VAL D 47 16.09 -5.99 26.00
C VAL D 47 16.46 -7.43 25.69
N ASN D 48 15.59 -8.35 26.10
CA ASN D 48 15.76 -9.76 25.75
C ASN D 48 14.69 -10.21 24.77
N VAL D 49 14.86 -9.78 23.52
CA VAL D 49 13.98 -10.17 22.43
C VAL D 49 14.73 -11.12 21.51
N LYS D 50 13.98 -11.96 20.83
CA LYS D 50 14.55 -12.90 19.87
C LYS D 50 15.23 -12.14 18.74
N ALA D 51 16.22 -12.79 18.12
CA ALA D 51 16.94 -12.18 17.00
C ALA D 51 15.96 -11.77 15.92
N TYR D 52 16.20 -10.62 15.31
CA TYR D 52 15.35 -10.14 14.22
C TYR D 52 16.07 -9.18 13.29
N VAL D 53 15.48 -8.98 12.12
CA VAL D 53 15.87 -7.91 11.22
C VAL D 53 14.62 -7.18 10.76
N GLN D 54 14.70 -5.86 10.72
CA GLN D 54 13.61 -5.02 10.23
C GLN D 54 14.15 -3.91 9.34
N ASN D 55 13.84 -3.99 8.06
CA ASN D 55 14.14 -2.92 7.11
C ASN D 55 12.95 -1.99 6.95
N THR D 56 13.21 -0.78 6.46
CA THR D 56 12.15 0.18 6.17
C THR D 56 12.53 0.98 4.94
N ILE D 57 11.54 1.64 4.34
CA ILE D 57 11.79 2.60 3.28
C ILE D 57 11.09 3.91 3.64
N ASP D 58 11.63 5.02 3.16
CA ASP D 58 11.06 6.32 3.47
C ASP D 58 9.96 6.66 2.46
N ASN D 59 9.37 7.85 2.60
CA ASN D 59 8.26 8.25 1.74
C ASN D 59 8.71 8.53 0.31
N GLN D 60 10.01 8.44 0.08
CA GLN D 60 10.58 8.59 -1.25
C GLN D 60 10.91 7.23 -1.85
N GLN D 61 10.55 6.16 -1.14
CA GLN D 61 10.82 4.78 -1.55
C GLN D 61 12.29 4.42 -1.51
N ARG D 62 13.06 5.11 -0.66
CA ARG D 62 14.49 4.86 -0.53
C ARG D 62 14.70 4.01 0.71
N PRO D 63 15.68 3.08 0.67
CA PRO D 63 16.02 2.34 1.89
C PRO D 63 16.31 3.29 3.04
N SER D 64 15.72 3.00 4.20
CA SER D 64 15.81 3.88 5.36
C SER D 64 16.27 3.06 6.55
N THR D 65 15.98 3.55 7.76
CA THR D 65 16.47 2.92 8.98
C THR D 65 16.23 1.42 9.02
N ALA D 66 17.29 0.68 9.33
CA ALA D 66 17.22 -0.75 9.51
C ALA D 66 17.65 -1.07 10.94
N ASN D 67 16.83 -1.84 11.64
CA ASN D 67 17.13 -2.28 13.00
C ASN D 67 17.33 -3.78 13.02
N ALA D 68 18.12 -4.24 13.98
CA ALA D 68 18.31 -5.67 14.19
C ALA D 68 18.75 -5.98 15.61
N MET D 69 18.30 -7.11 16.13
CA MET D 69 18.91 -7.71 17.31
C MET D 69 19.67 -8.93 16.80
N LEU D 70 20.98 -8.86 16.91
CA LEU D 70 21.85 -9.89 16.35
C LEU D 70 22.38 -10.83 17.42
N ASP D 71 22.35 -12.12 17.10
CA ASP D 71 23.10 -13.11 17.86
C ASP D 71 23.56 -14.21 16.91
N ARG D 72 24.07 -15.30 17.46
CA ARG D 72 24.68 -16.36 16.67
C ARG D 72 23.66 -17.19 15.89
N THR D 73 22.38 -17.08 16.23
CA THR D 73 21.35 -17.93 15.64
C THR D 73 20.97 -17.53 14.20
N ILE D 74 21.18 -16.27 13.85
CA ILE D 74 20.87 -15.77 12.50
C ILE D 74 22.15 -15.48 11.72
N ARG D 75 23.27 -15.82 12.33
CA ARG D 75 24.57 -15.69 11.69
C ARG D 75 24.68 -16.67 10.51
N GLN D 76 25.39 -16.27 9.47
CA GLN D 76 25.56 -17.08 8.26
C GLN D 76 27.03 -17.19 7.89
N TYR D 77 27.49 -18.43 7.71
CA TYR D 77 28.90 -18.70 7.41
C TYR D 77 29.09 -19.13 5.96
N GLN D 78 28.01 -19.47 5.28
CA GLN D 78 28.07 -19.75 3.85
C GLN D 78 28.04 -18.43 3.09
N ASN D 79 27.93 -18.48 1.76
CA ASN D 79 27.92 -17.27 0.96
C ASN D 79 27.08 -17.37 -0.32
N ARG D 80 26.24 -16.36 -0.53
CA ARG D 80 25.44 -16.20 -1.76
C ARG D 80 25.00 -17.51 -2.41
N ALA D 88 18.47 -10.59 -10.36
CA ALA D 88 19.63 -10.61 -11.25
C ALA D 88 19.76 -9.29 -12.02
N ASN D 89 18.62 -8.75 -12.44
CA ASN D 89 18.60 -7.52 -13.23
C ASN D 89 18.44 -6.27 -12.36
N TRP D 90 17.83 -6.45 -11.19
CA TRP D 90 17.60 -5.33 -10.26
C TRP D 90 18.90 -4.68 -9.84
N LYS D 91 18.85 -3.36 -9.67
CA LYS D 91 19.98 -2.60 -9.13
C LYS D 91 19.44 -1.53 -8.19
N PRO D 92 20.23 -1.15 -7.17
CA PRO D 92 19.73 -0.15 -6.23
C PRO D 92 19.59 1.25 -6.84
N LEU D 93 18.97 2.15 -6.08
CA LEU D 93 18.69 3.49 -6.58
C LEU D 93 19.95 4.28 -6.90
N GLY D 94 19.98 4.89 -8.08
CA GLY D 94 21.08 5.74 -8.49
C GLY D 94 22.29 4.95 -8.96
N TRP D 95 22.08 3.69 -9.31
CA TRP D 95 23.18 2.82 -9.71
C TRP D 95 23.81 3.24 -11.03
N HIS D 96 25.07 3.67 -10.96
CA HIS D 96 25.86 3.99 -12.14
C HIS D 96 27.27 3.47 -11.95
N GLN D 97 27.55 2.31 -12.54
CA GLN D 97 28.85 1.67 -12.40
C GLN D 97 29.84 2.27 -13.39
N VAL D 98 31.03 2.58 -12.89
CA VAL D 98 32.13 3.03 -13.73
C VAL D 98 33.43 2.42 -13.25
N ALA D 99 34.31 2.09 -14.18
CA ALA D 99 35.61 1.54 -13.84
C ALA D 99 36.51 2.63 -13.29
N THR D 100 37.25 2.31 -12.23
CA THR D 100 38.17 3.25 -11.59
C THR D 100 39.58 2.69 -11.62
N ASN D 101 40.56 3.59 -11.71
CA ASN D 101 41.95 3.20 -11.61
C ASN D 101 42.44 3.23 -10.17
N ASP D 102 41.88 2.32 -9.37
CA ASP D 102 42.33 2.12 -8.00
C ASP D 102 42.35 0.62 -7.70
N HIS D 103 42.66 0.26 -6.46
CA HIS D 103 42.76 -1.15 -6.10
C HIS D 103 41.40 -1.82 -5.95
N TYR D 104 40.33 -1.04 -6.10
CA TYR D 104 38.97 -1.58 -6.12
C TYR D 104 38.56 -1.98 -7.53
N GLY D 105 39.06 -1.25 -8.52
CA GLY D 105 38.83 -1.58 -9.91
C GLY D 105 37.52 -1.03 -10.46
N HIS D 106 36.54 -0.85 -9.59
CA HIS D 106 35.25 -0.31 -9.98
C HIS D 106 34.75 0.65 -8.91
N ALA D 107 33.70 1.40 -9.24
CA ALA D 107 33.25 2.49 -8.38
C ALA D 107 32.32 2.04 -7.25
N VAL D 108 31.25 1.32 -7.58
CA VAL D 108 30.19 1.06 -6.61
C VAL D 108 29.87 -0.43 -6.42
N ASP D 109 29.49 -0.78 -5.20
CA ASP D 109 29.03 -2.10 -4.84
C ASP D 109 27.57 -2.03 -4.41
N LYS D 110 26.86 -3.15 -4.52
CA LYS D 110 25.54 -3.24 -3.92
C LYS D 110 25.75 -3.26 -2.41
N GLY D 111 25.41 -2.15 -1.75
CA GLY D 111 25.70 -1.96 -0.35
C GLY D 111 24.55 -2.36 0.56
N ALA D 112 24.70 -3.51 1.22
CA ALA D 112 23.72 -3.96 2.19
C ALA D 112 23.76 -3.11 3.45
N LEU D 113 22.59 -2.76 3.96
CA LEU D 113 22.49 -2.08 5.25
C LEU D 113 22.80 -3.09 6.35
N ILE D 114 22.05 -4.18 6.37
CA ILE D 114 22.28 -5.27 7.30
C ILE D 114 22.98 -6.41 6.56
N ALA D 115 24.19 -6.74 7.00
CA ALA D 115 25.05 -7.69 6.30
C ALA D 115 24.49 -9.11 6.24
N TYR D 116 24.73 -9.77 5.11
CA TYR D 116 24.36 -11.16 4.90
C TYR D 116 24.98 -12.08 5.95
N ALA D 117 26.24 -11.86 6.28
CA ALA D 117 26.95 -12.69 7.25
C ALA D 117 26.41 -12.50 8.66
N LEU D 118 25.73 -11.39 8.92
CA LEU D 118 25.24 -11.08 10.25
C LEU D 118 23.83 -11.62 10.51
N ALA D 119 23.02 -11.72 9.46
CA ALA D 119 21.60 -12.05 9.63
C ALA D 119 21.03 -12.89 8.49
N GLY D 120 21.89 -13.50 7.69
CA GLY D 120 21.46 -14.25 6.54
C GLY D 120 20.63 -15.48 6.86
N ASN D 121 20.68 -15.92 8.12
CA ASN D 121 19.89 -17.09 8.55
C ASN D 121 18.63 -16.69 9.31
N PHE D 122 18.31 -15.39 9.30
CA PHE D 122 17.03 -14.94 9.80
C PHE D 122 15.98 -15.28 8.77
N LYS D 123 15.14 -16.26 9.07
CA LYS D 123 14.15 -16.77 8.14
C LYS D 123 13.06 -15.76 7.85
N GLY D 124 12.47 -15.86 6.65
CA GLY D 124 11.40 -14.97 6.26
C GLY D 124 11.91 -13.57 5.97
N TRP D 125 13.19 -13.47 5.68
CA TRP D 125 13.81 -12.20 5.35
C TRP D 125 14.69 -12.36 4.12
N ASP D 126 14.59 -11.40 3.21
CA ASP D 126 15.38 -11.42 1.99
C ASP D 126 16.82 -11.01 2.30
N ALA D 127 17.71 -11.99 2.34
CA ALA D 127 19.12 -11.75 2.66
C ALA D 127 19.97 -11.48 1.41
N SER D 128 19.31 -11.28 0.27
CA SER D 128 20.01 -11.16 -1.00
C SER D 128 20.39 -9.72 -1.32
N VAL D 129 21.17 -9.55 -2.38
CA VAL D 129 21.65 -8.24 -2.79
C VAL D 129 20.61 -7.48 -3.61
N SER D 130 19.44 -8.07 -3.81
CA SER D 130 18.36 -7.39 -4.51
C SER D 130 17.15 -7.19 -3.61
N ASN D 131 17.40 -7.11 -2.30
CA ASN D 131 16.38 -6.66 -1.37
C ASN D 131 16.29 -5.15 -1.47
N PRO D 132 15.19 -4.62 -2.00
CA PRO D 132 15.15 -3.17 -2.25
C PRO D 132 15.00 -2.33 -1.00
N GLN D 133 14.81 -2.97 0.16
CA GLN D 133 14.72 -2.25 1.43
C GLN D 133 16.04 -2.31 2.19
N ASN D 134 16.96 -3.13 1.71
CA ASN D 134 18.20 -3.40 2.44
C ASN D 134 19.46 -3.08 1.63
N VAL D 135 19.30 -2.59 0.40
CA VAL D 135 20.43 -2.38 -0.49
C VAL D 135 20.43 -0.99 -1.13
N VAL D 136 21.59 -0.33 -1.06
CA VAL D 136 21.79 0.98 -1.66
C VAL D 136 23.00 0.95 -2.58
N THR D 137 23.19 2.03 -3.33
CA THR D 137 24.39 2.20 -4.13
C THR D 137 25.50 2.73 -3.22
N GLN D 138 26.52 1.90 -3.00
CA GLN D 138 27.60 2.23 -2.07
C GLN D 138 28.96 2.12 -2.74
N THR D 139 29.82 3.11 -2.49
CA THR D 139 31.16 3.10 -3.03
C THR D 139 31.88 1.82 -2.61
N ALA D 140 32.69 1.28 -3.51
CA ALA D 140 33.42 0.05 -3.22
C ALA D 140 34.29 0.23 -1.99
N HIS D 141 34.87 1.41 -1.84
CA HIS D 141 35.73 1.68 -0.68
C HIS D 141 34.97 1.59 0.64
N SER D 142 33.88 2.34 0.75
CA SER D 142 33.17 2.42 2.01
C SER D 142 32.45 1.11 2.32
N ASN D 143 32.15 0.33 1.29
CA ASN D 143 31.57 -0.99 1.50
C ASN D 143 32.61 -1.97 2.02
N GLN D 144 33.73 -2.07 1.32
CA GLN D 144 34.69 -3.14 1.55
C GLN D 144 35.74 -2.85 2.63
N SER D 145 36.11 -1.59 2.78
CA SER D 145 37.31 -1.24 3.55
C SER D 145 37.30 -1.71 5.00
N ASN D 146 38.33 -2.48 5.34
CA ASN D 146 38.57 -2.92 6.71
C ASN D 146 39.88 -2.33 7.24
N GLN D 147 40.38 -1.32 6.54
CA GLN D 147 41.59 -0.63 6.96
C GLN D 147 41.31 0.07 8.29
N LYS D 148 42.05 -0.30 9.32
CA LYS D 148 41.86 0.28 10.64
C LYS D 148 42.13 1.78 10.62
N ILE D 149 42.80 2.24 9.56
CA ILE D 149 43.21 3.63 9.45
C ILE D 149 42.35 4.41 8.45
N ASN D 150 41.62 3.68 7.63
CA ASN D 150 40.71 4.26 6.66
C ASN D 150 39.50 3.36 6.54
N ARG D 151 38.65 3.41 7.57
CA ARG D 151 37.63 2.41 7.79
C ARG D 151 36.43 2.52 6.85
N GLY D 152 35.90 1.36 6.48
CA GLY D 152 34.66 1.25 5.75
C GLY D 152 33.64 0.52 6.60
N GLN D 153 32.46 0.28 6.03
CA GLN D 153 31.38 -0.37 6.76
C GLN D 153 31.81 -1.77 7.21
N ASN D 154 32.61 -2.44 6.38
CA ASN D 154 33.04 -3.80 6.67
C ASN D 154 33.85 -3.88 7.97
N TYR D 155 34.61 -2.84 8.27
CA TYR D 155 35.41 -2.81 9.49
C TYR D 155 34.52 -2.94 10.71
N TYR D 156 33.40 -2.23 10.70
CA TYR D 156 32.48 -2.25 11.82
C TYR D 156 31.59 -3.48 11.81
N GLU D 157 31.28 -3.99 10.62
CA GLU D 157 30.54 -5.25 10.50
C GLU D 157 31.38 -6.40 11.07
N SER D 158 32.71 -6.27 10.98
CA SER D 158 33.61 -7.27 11.51
C SER D 158 33.65 -7.23 13.04
N LEU D 159 33.55 -6.02 13.59
CA LEU D 159 33.51 -5.87 15.04
C LEU D 159 32.27 -6.53 15.62
N VAL D 160 31.12 -6.28 15.00
CA VAL D 160 29.88 -6.91 15.42
C VAL D 160 29.96 -8.42 15.27
N ARG D 161 30.48 -8.86 14.13
CA ARG D 161 30.61 -10.27 13.82
C ARG D 161 31.45 -10.99 14.87
N LYS D 162 32.56 -10.38 15.25
CA LYS D 162 33.47 -10.97 16.22
C LYS D 162 32.86 -10.97 17.63
N ALA D 163 32.02 -9.98 17.91
CA ALA D 163 31.32 -9.92 19.19
C ALA D 163 30.27 -11.02 19.23
N VAL D 164 29.53 -11.17 18.14
CA VAL D 164 28.51 -12.20 18.04
C VAL D 164 29.14 -13.59 18.17
N ASP D 165 30.32 -13.76 17.59
CA ASP D 165 31.00 -15.05 17.63
C ASP D 165 31.53 -15.37 19.02
N GLN D 166 31.55 -14.38 19.89
CA GLN D 166 31.87 -14.60 21.30
C GLN D 166 30.58 -14.67 22.12
N ASN D 167 29.50 -15.06 21.45
CA ASN D 167 28.19 -15.25 22.08
C ASN D 167 27.63 -14.00 22.74
N LYS D 168 27.98 -12.83 22.21
CA LYS D 168 27.35 -11.59 22.65
C LYS D 168 26.14 -11.33 21.78
N ARG D 169 25.12 -10.69 22.36
CA ARG D 169 23.95 -10.28 21.59
C ARG D 169 24.02 -8.78 21.36
N VAL D 170 23.96 -8.39 20.09
CA VAL D 170 24.26 -7.02 19.68
C VAL D 170 23.02 -6.33 19.07
N ARG D 171 22.57 -5.28 19.73
CA ARG D 171 21.51 -4.43 19.17
C ARG D 171 22.16 -3.54 18.10
N TYR D 172 21.55 -3.52 16.92
CA TYR D 172 22.20 -2.97 15.73
C TYR D 172 21.22 -2.08 14.95
N ARG D 173 21.72 -0.95 14.48
CA ARG D 173 20.93 -0.04 13.67
C ARG D 173 21.76 0.60 12.57
N VAL D 174 21.26 0.55 11.35
CA VAL D 174 21.95 1.08 10.18
C VAL D 174 21.02 2.00 9.40
N THR D 175 21.38 3.27 9.31
CA THR D 175 20.56 4.28 8.68
C THR D 175 21.32 4.94 7.53
N PRO D 176 20.83 4.78 6.30
CA PRO D 176 21.38 5.59 5.20
C PRO D 176 21.04 7.04 5.43
N LEU D 177 22.01 7.93 5.24
CA LEU D 177 21.80 9.36 5.43
C LEU D 177 21.76 10.05 4.08
N TYR D 178 20.65 10.75 3.82
CA TYR D 178 20.46 11.48 2.57
C TYR D 178 20.54 12.99 2.83
N ARG D 179 21.12 13.71 1.88
CA ARG D 179 21.26 15.17 2.00
C ARG D 179 19.89 15.84 2.05
N ASN D 180 18.95 15.24 1.33
CA ASN D 180 17.63 15.81 1.14
C ASN D 180 16.65 14.72 0.73
N ASP D 181 15.41 15.10 0.42
CA ASP D 181 14.37 14.11 0.10
C ASP D 181 14.25 13.83 -1.40
N THR D 182 15.25 14.22 -2.19
CA THR D 182 15.25 13.97 -3.63
C THR D 182 16.44 13.15 -4.09
N ASP D 183 17.50 13.12 -3.29
CA ASP D 183 18.69 12.32 -3.60
C ASP D 183 18.32 10.83 -3.72
N LEU D 184 18.91 10.16 -4.71
CA LEU D 184 18.72 8.72 -4.86
C LEU D 184 19.69 7.93 -3.98
N VAL D 185 20.87 8.50 -3.75
CA VAL D 185 21.96 7.81 -3.07
C VAL D 185 22.31 8.50 -1.75
N PRO D 186 22.48 7.72 -0.67
CA PRO D 186 22.90 8.36 0.58
C PRO D 186 24.34 8.87 0.49
N PHE D 187 24.64 9.95 1.20
CA PHE D 187 26.00 10.48 1.21
C PHE D 187 26.87 9.78 2.26
N ALA D 188 26.22 9.07 3.17
CA ALA D 188 26.93 8.36 4.24
C ALA D 188 26.07 7.24 4.80
N MET D 189 26.68 6.38 5.63
CA MET D 189 25.98 5.29 6.29
C MET D 189 26.20 5.37 7.81
N HIS D 190 25.12 5.59 8.54
CA HIS D 190 25.17 5.69 9.99
C HIS D 190 25.02 4.32 10.63
N LEU D 191 26.06 3.88 11.35
CA LEU D 191 26.07 2.57 12.00
C LEU D 191 26.07 2.72 13.52
N GLU D 192 25.17 2.01 14.17
CA GLU D 192 25.10 1.99 15.63
C GLU D 192 25.04 0.55 16.13
N ALA D 193 25.78 0.27 17.20
CA ALA D 193 25.80 -1.06 17.79
C ALA D 193 26.02 -0.97 19.29
N LYS D 194 25.47 -1.92 20.02
CA LYS D 194 25.70 -2.03 21.46
C LYS D 194 25.37 -3.44 21.94
N SER D 195 26.37 -4.15 22.46
CA SER D 195 26.15 -5.48 23.01
C SER D 195 25.42 -5.38 24.32
N GLN D 196 24.84 -6.48 24.78
CA GLN D 196 24.13 -6.51 26.05
C GLN D 196 25.08 -6.19 27.21
N ASP D 197 26.25 -6.82 27.20
CA ASP D 197 27.22 -6.64 28.28
C ASP D 197 27.96 -5.30 28.17
N GLY D 198 27.75 -4.61 27.05
CA GLY D 198 28.28 -3.27 26.87
C GLY D 198 29.70 -3.21 26.32
N THR D 199 30.36 -4.36 26.23
CA THR D 199 31.76 -4.41 25.80
C THR D 199 31.95 -3.86 24.38
N LEU D 200 30.92 -3.97 23.56
CA LEU D 200 30.93 -3.40 22.22
C LEU D 200 29.94 -2.26 22.18
N GLU D 201 30.40 -1.10 21.72
CA GLU D 201 29.52 0.03 21.44
C GLU D 201 30.20 0.97 20.48
N PHE D 202 29.48 1.35 19.43
CA PHE D 202 29.96 2.40 18.55
C PHE D 202 28.80 3.15 17.91
N ASN D 203 29.13 4.30 17.34
CA ASN D 203 28.17 5.15 16.68
C ASN D 203 28.93 5.98 15.66
N VAL D 204 28.87 5.57 14.40
CA VAL D 204 29.70 6.17 13.36
C VAL D 204 28.92 6.47 12.10
N ALA D 205 29.43 7.41 11.32
CA ALA D 205 28.93 7.67 9.97
C ALA D 205 30.04 7.37 8.99
N ILE D 206 29.78 6.44 8.08
CA ILE D 206 30.75 6.07 7.05
C ILE D 206 30.45 6.86 5.79
N PRO D 207 31.35 7.79 5.40
CA PRO D 207 31.07 8.55 4.19
C PRO D 207 30.96 7.66 2.96
N ASN D 208 29.95 7.91 2.13
CA ASN D 208 29.76 7.15 0.91
C ASN D 208 30.64 7.73 -0.19
N THR D 209 31.94 7.56 -0.04
CA THR D 209 32.92 8.20 -0.89
C THR D 209 34.05 7.26 -1.31
N GLN D 210 34.85 7.72 -2.26
CA GLN D 210 35.99 6.97 -2.77
C GLN D 210 36.99 7.99 -3.30
N ALA D 211 38.27 7.77 -3.02
CA ALA D 211 39.30 8.77 -3.33
C ALA D 211 39.42 9.05 -4.82
N SER D 212 39.10 8.06 -5.65
CA SER D 212 39.35 8.16 -7.08
C SER D 212 38.26 8.91 -7.87
N TYR D 213 37.18 9.30 -7.20
CA TYR D 213 36.12 10.01 -7.88
C TYR D 213 35.21 10.78 -6.93
N THR D 214 34.37 11.63 -7.52
CA THR D 214 33.27 12.26 -6.80
C THR D 214 31.97 11.71 -7.37
N MET D 215 30.93 11.69 -6.53
CA MET D 215 29.62 11.25 -6.96
C MET D 215 28.58 12.34 -6.72
N ASP D 216 27.61 12.42 -7.63
CA ASP D 216 26.45 13.24 -7.43
C ASP D 216 25.40 12.38 -6.73
N TYR D 217 25.14 12.67 -5.45
CA TYR D 217 24.21 11.87 -4.68
C TYR D 217 22.77 12.07 -5.12
N ALA D 218 22.53 13.07 -5.95
CA ALA D 218 21.21 13.30 -6.52
C ALA D 218 20.87 12.16 -7.47
N THR D 219 21.80 11.88 -8.39
CA THR D 219 21.56 10.94 -9.47
C THR D 219 22.37 9.67 -9.31
N GLY D 220 23.45 9.76 -8.54
CA GLY D 220 24.36 8.64 -8.35
C GLY D 220 25.40 8.57 -9.44
N GLU D 221 25.47 9.60 -10.27
CA GLU D 221 26.43 9.64 -11.36
C GLU D 221 27.82 10.03 -10.86
N ILE D 222 28.84 9.40 -11.45
CA ILE D 222 30.20 9.51 -10.95
C ILE D 222 31.09 10.29 -11.91
N THR D 223 31.91 11.16 -11.33
CA THR D 223 32.89 11.94 -12.08
C THR D 223 34.28 11.55 -11.60
N LEU D 224 35.03 10.87 -12.45
CA LEU D 224 36.39 10.46 -12.13
C LEU D 224 37.29 11.68 -12.03
N ASN D 225 38.20 11.66 -11.06
CA ASN D 225 39.16 12.74 -10.90
C ASN D 225 40.24 12.69 -11.96
MG MG E . -5.31 -3.41 21.01
S SO4 F . 4.62 4.83 6.84
O1 SO4 F . 5.64 5.88 6.72
O2 SO4 F . 3.91 4.99 8.11
O3 SO4 F . 3.67 4.96 5.73
O4 SO4 F . 5.26 3.52 6.81
S SO4 G . -5.11 -7.70 32.41
O1 SO4 G . -4.19 -6.64 32.80
O2 SO4 G . -6.20 -7.14 31.62
O3 SO4 G . -4.38 -8.70 31.64
O4 SO4 G . -5.67 -8.32 33.61
S SO4 H . -7.45 -23.02 24.13
O1 SO4 H . -6.06 -23.32 24.46
O2 SO4 H . -8.06 -24.19 23.50
O3 SO4 H . -8.17 -22.70 25.36
O4 SO4 H . -7.52 -21.89 23.22
S SO4 I . -17.79 13.12 28.48
O1 SO4 I . -19.13 13.25 27.93
O2 SO4 I . -17.67 13.97 29.66
O3 SO4 I . -17.55 11.73 28.87
O4 SO4 I . -16.79 13.52 27.48
S SO4 J . -10.01 -5.08 39.62
O1 SO4 J . -9.25 -6.11 40.32
O2 SO4 J . -10.86 -5.71 38.60
O3 SO4 J . -10.84 -4.36 40.57
O4 SO4 J . -9.09 -4.15 38.98
CL CL K . -12.54 -5.99 33.66
CL CL L . 14.95 -17.20 12.15
MG MG M . -8.07 18.32 -8.61
S SO4 N . -11.54 26.20 -17.46
O1 SO4 N . -10.65 25.11 -17.85
O2 SO4 N . -11.11 27.44 -18.11
O3 SO4 N . -12.90 25.88 -17.90
O4 SO4 N . -11.54 26.39 -16.01
S SO4 O . -8.80 -0.08 -2.50
O1 SO4 O . -7.81 -0.11 -1.44
O2 SO4 O . -8.12 -0.01 -3.79
O3 SO4 O . -9.61 -1.29 -2.44
O4 SO4 O . -9.65 1.09 -2.34
S SO4 P . 5.15 25.46 -21.26
O1 SO4 P . 4.31 26.17 -22.22
O2 SO4 P . 4.42 24.31 -20.73
O3 SO4 P . 6.37 25.00 -21.93
O4 SO4 P . 5.51 26.36 -20.16
S SO4 Q . -16.14 34.23 -16.05
O1 SO4 Q . -15.55 33.10 -15.33
O2 SO4 Q . -16.57 35.25 -15.09
O3 SO4 Q . -15.14 34.82 -16.94
O4 SO4 Q . -17.28 33.78 -16.82
S SO4 R . -8.83 13.92 -10.51
O1 SO4 R . -8.66 13.75 -9.07
O2 SO4 R . -10.21 14.34 -10.78
O3 SO4 R . -7.92 14.96 -10.99
O4 SO4 R . -8.56 12.66 -11.19
S SO4 S . -20.80 28.91 5.66
O1 SO4 S . -21.82 27.93 5.31
O2 SO4 S . -20.53 28.86 7.09
O3 SO4 S . -19.57 28.61 4.92
O4 SO4 S . -21.26 30.25 5.31
MG MG T . -7.82 -18.36 -20.96
S SO4 U . -14.63 -6.31 2.79
O1 SO4 U . -13.21 -6.01 2.63
O2 SO4 U . -15.15 -6.86 1.54
O3 SO4 U . -14.80 -7.29 3.86
O4 SO4 U . -15.36 -5.10 3.13
S SO4 V . -12.72 -27.93 -26.44
O1 SO4 V . -12.81 -27.61 -25.02
O2 SO4 V . -12.96 -26.74 -27.25
O3 SO4 V . -11.37 -28.43 -26.72
O4 SO4 V . -13.70 -28.95 -26.78
S SO4 W . -13.01 -5.02 -2.96
O1 SO4 W . -13.67 -5.75 -4.05
O2 SO4 W . -11.82 -4.35 -3.49
O3 SO4 W . -13.93 -4.02 -2.43
O4 SO4 W . -12.63 -5.95 -1.91
S SO4 X . 1.36 -28.90 -10.97
O1 SO4 X . 2.82 -28.87 -11.07
O2 SO4 X . 0.88 -30.25 -11.27
O3 SO4 X . 0.97 -28.54 -9.61
O4 SO4 X . 0.79 -27.95 -11.92
S SO4 Y . -3.72 -17.03 -22.60
O1 SO4 Y . -3.46 -16.91 -21.16
O2 SO4 Y . -2.56 -16.57 -23.35
O3 SO4 Y . -3.98 -18.42 -22.92
O4 SO4 Y . -4.88 -16.21 -22.94
S SO4 Z . -25.45 -16.32 -29.56
O1 SO4 Z . -26.12 -15.15 -30.10
O2 SO4 Z . -26.26 -16.89 -28.49
O3 SO4 Z . -25.27 -17.32 -30.62
O4 SO4 Z . -24.14 -15.95 -29.03
CL CL AA . -18.10 1.92 -19.07
CL CL BA . -16.44 -0.82 -33.57
MG MG CA . 28.55 -4.38 2.66
S SO4 DA . 8.02 13.91 3.64
O1 SO4 DA . 7.34 12.84 2.92
O2 SO4 DA . 9.42 13.57 3.82
O3 SO4 DA . 7.90 15.15 2.89
O4 SO4 DA . 7.39 14.08 4.96
S SO4 EA . 10.04 8.91 6.16
O1 SO4 EA . 10.06 9.60 4.88
O2 SO4 EA . 11.40 8.72 6.65
O3 SO4 EA . 9.29 9.72 7.13
O4 SO4 EA . 9.39 7.61 6.02
S SO4 FA . 40.37 -2.43 1.34
O1 SO4 FA . 40.35 -2.91 2.72
O2 SO4 FA . 41.75 -2.22 0.92
O3 SO4 FA . 39.73 -3.42 0.48
O4 SO4 FA . 39.65 -1.17 1.25
S SO4 GA . 44.47 3.33 -4.58
O1 SO4 GA . 44.30 2.32 -5.61
O2 SO4 GA . 44.77 4.63 -5.19
O3 SO4 GA . 43.24 3.44 -3.80
O4 SO4 GA . 45.57 2.95 -3.70
S SO4 HA . 27.85 -8.83 3.48
O1 SO4 HA . 27.94 -9.81 4.57
O2 SO4 HA . 28.79 -7.76 3.71
O3 SO4 HA . 28.16 -9.50 2.22
O4 SO4 HA . 26.49 -8.29 3.41
S SO4 IA . 38.58 2.57 18.20
O1 SO4 IA . 37.45 2.05 17.44
O2 SO4 IA . 38.34 2.38 19.62
O3 SO4 IA . 39.79 1.84 17.82
O4 SO4 IA . 38.75 3.99 17.91
C1 EDO JA . 13.37 9.42 -5.16
O1 EDO JA . 12.13 8.77 -4.86
C2 EDO JA . 13.71 10.42 -4.06
O2 EDO JA . 12.66 11.37 -3.92
C1 EDO KA . 13.81 6.67 12.84
O1 EDO KA . 13.39 6.34 11.51
C2 EDO KA . 15.23 6.17 13.04
O2 EDO KA . 15.70 6.45 14.36
CL CL LA . 26.49 -9.38 25.24
CL CL MA . 39.36 4.99 -1.54
#